data_6TQ6
#
_entry.id   6TQ6
#
_cell.length_a   59.834
_cell.length_b   147.072
_cell.length_c   72.260
_cell.angle_alpha   90.000
_cell.angle_beta   111.560
_cell.angle_gamma   90.000
#
_symmetry.space_group_name_H-M   'P 1 21 1'
#
loop_
_entity.id
_entity.type
_entity.pdbx_description
1 polymer 'Orexin receptor type 1'
2 non-polymer 2-(5-methylsulfonylpyridin-3-yl)-1,1-bis(oxidanylidene)-4-[[2,4,6-tris(fluoranyl)phenyl]methyl]pyrido[2,3-e][1,2,4]thiadiazin-3-one
3 non-polymer 'SULFATE ION'
4 non-polymer '(1R)-2-{[(S)-{[(2S)-2,3-dihydroxypropyl]oxy}(hydroxy)phosphoryl]oxy}-1-[(hexadecanoyloxy)methyl]ethyl (9Z)-octadec-9-enoate'
5 non-polymer 'octyl 1-thio-beta-D-glucopyranoside'
6 non-polymer 'TETRAETHYLENE GLYCOL'
7 water water
#
_entity_poly.entity_id   1
_entity_poly.type   'polypeptide(L)'
_entity_poly.pdbx_seq_one_letter_code
;AASEDEFLRYLWRDYLYPKQYAWVLIAAYVAVFVVALVGNTLVCLAVWRNHHMRTVTNYFLVNLSLADVLATAICLPASL
LVDITESWLFGHALCKVIPYLQAVSVSVAVLTLSFIALDRWYAICHPLLFKSTARRALGSILGIWAVSLAIMVPQAAVME
CSSVLPELAARTRAFSVCDERWADDLAPKIYHSCFFIVTYLAPLGLMAMAYFQIFRKLWGRQIPGTTSALVRNWKRPSDQ
LGDLEQGLSGEPQPRARAFLAEVKQMRARRKTAKMLMVVVLVFALCYLPISVLNVLKRVFGMFRQASDREAVYAAFTFSH
WLVYANSAANPIIYNFLSGKFREQFKAAFSWWLPGLAAAHHHHHHHHH
;
_entity_poly.pdbx_strand_id   A,B
#
loop_
_chem_comp.id
_chem_comp.type
_chem_comp.name
_chem_comp.formula
NVH non-polymer 2-(5-methylsulfonylpyridin-3-yl)-1,1-bis(oxidanylidene)-4-[[2,4,6-tris(fluoranyl)phenyl]methyl]pyrido[2,3-e][1,2,4]thiadiazin-3-one 'C19 H13 F3 N4 O5 S2'
PG4 non-polymer 'TETRAETHYLENE GLYCOL' 'C8 H18 O5'
PGW non-polymer '(1R)-2-{[(S)-{[(2S)-2,3-dihydroxypropyl]oxy}(hydroxy)phosphoryl]oxy}-1-[(hexadecanoyloxy)methyl]ethyl (9Z)-octadec-9-enoate' 'C40 H77 O10 P'
SO4 non-polymer 'SULFATE ION' 'O4 S -2'
SOG D-saccharide 'octyl 1-thio-beta-D-glucopyranoside' 'C14 H28 O5 S'
#
# COMPACT_ATOMS: atom_id res chain seq x y z
N GLU A 4 -35.34 49.74 -3.57
CA GLU A 4 -35.78 48.85 -2.51
C GLU A 4 -35.25 47.42 -2.71
N ASP A 5 -35.38 46.88 -3.95
CA ASP A 5 -34.97 45.52 -4.30
C ASP A 5 -33.44 45.41 -4.48
N GLU A 6 -32.82 46.43 -5.08
CA GLU A 6 -31.36 46.45 -5.28
C GLU A 6 -30.60 46.49 -3.96
N PHE A 7 -31.13 47.23 -2.97
CA PHE A 7 -30.50 47.34 -1.67
C PHE A 7 -30.46 45.99 -0.95
N LEU A 8 -31.59 45.25 -0.97
CA LEU A 8 -31.71 43.95 -0.33
C LEU A 8 -30.85 42.88 -1.01
N ARG A 9 -30.46 43.12 -2.26
CA ARG A 9 -29.54 42.24 -2.97
C ARG A 9 -28.10 42.46 -2.51
N TYR A 10 -27.68 43.72 -2.34
CA TYR A 10 -26.35 44.02 -1.82
C TYR A 10 -26.25 43.81 -0.31
N LEU A 11 -27.37 43.94 0.42
CA LEU A 11 -27.39 43.58 1.84
C LEU A 11 -27.14 42.09 2.03
N TRP A 12 -27.72 41.28 1.15
CA TRP A 12 -27.54 39.84 1.14
C TRP A 12 -26.10 39.47 0.77
N ARG A 13 -25.64 39.97 -0.38
CA ARG A 13 -24.30 39.71 -0.90
C ARG A 13 -23.20 40.14 0.08
N ASP A 14 -23.28 41.38 0.61
CA ASP A 14 -22.23 42.01 1.40
C ASP A 14 -22.29 41.75 2.92
N TYR A 15 -23.43 41.25 3.46
CA TYR A 15 -23.61 41.06 4.90
C TYR A 15 -24.37 39.78 5.29
N LEU A 16 -25.61 39.60 4.80
CA LEU A 16 -26.48 38.50 5.24
C LEU A 16 -25.93 37.12 4.84
N TYR A 17 -25.48 36.96 3.57
CA TYR A 17 -24.91 35.69 3.12
C TYR A 17 -23.55 35.39 3.77
N PRO A 18 -22.54 36.28 3.74
CA PRO A 18 -21.28 35.98 4.46
C PRO A 18 -21.32 35.54 5.91
N LYS A 19 -22.21 36.14 6.71
CA LYS A 19 -22.38 35.72 8.10
C LYS A 19 -23.13 34.40 8.27
N GLN A 20 -24.17 34.22 7.43
CA GLN A 20 -24.94 32.98 7.35
C GLN A 20 -23.94 31.86 7.02
N TYR A 21 -23.09 32.09 6.01
CA TYR A 21 -22.05 31.15 5.59
C TYR A 21 -21.12 30.81 6.75
N ALA A 22 -20.51 31.83 7.35
CA ALA A 22 -19.57 31.66 8.45
C ALA A 22 -20.22 31.02 9.67
N TRP A 23 -21.50 31.31 9.93
CA TRP A 23 -22.21 30.66 11.04
C TRP A 23 -22.29 29.15 10.82
N VAL A 24 -22.83 28.75 9.65
CA VAL A 24 -23.02 27.35 9.26
C VAL A 24 -21.68 26.60 9.26
N LEU A 25 -20.63 27.25 8.74
CA LEU A 25 -19.29 26.66 8.68
C LEU A 25 -18.75 26.32 10.08
N ILE A 26 -18.79 27.29 11.01
CA ILE A 26 -18.30 27.07 12.37
C ILE A 26 -19.19 26.07 13.11
N ALA A 27 -20.53 26.21 12.99
CA ALA A 27 -21.48 25.29 13.63
C ALA A 27 -21.26 23.84 13.19
N ALA A 28 -21.06 23.63 11.88
CA ALA A 28 -20.81 22.29 11.35
C ALA A 28 -19.50 21.71 11.88
N TYR A 29 -18.46 22.54 11.92
CA TYR A 29 -17.15 22.10 12.44
C TYR A 29 -17.20 21.81 13.94
N VAL A 30 -17.89 22.66 14.73
CA VAL A 30 -17.99 22.45 16.17
C VAL A 30 -18.82 21.21 16.49
N ALA A 31 -19.96 21.03 15.81
CA ALA A 31 -20.81 19.85 15.99
C ALA A 31 -20.04 18.56 15.70
N VAL A 32 -19.31 18.53 14.58
CA VAL A 32 -18.50 17.37 14.22
C VAL A 32 -17.39 17.15 15.25
N PHE A 33 -16.73 18.24 15.68
CA PHE A 33 -15.65 18.16 16.68
C PHE A 33 -16.14 17.53 17.99
N VAL A 34 -17.27 17.98 18.55
CA VAL A 34 -17.76 17.42 19.81
C VAL A 34 -18.29 15.98 19.61
N VAL A 35 -19.14 15.76 18.59
CA VAL A 35 -19.71 14.42 18.32
C VAL A 35 -18.60 13.38 18.08
N ALA A 36 -17.57 13.74 17.30
CA ALA A 36 -16.46 12.81 17.04
C ALA A 36 -15.62 12.54 18.29
N LEU A 37 -15.40 13.55 19.15
CA LEU A 37 -14.59 13.36 20.35
C LEU A 37 -15.32 12.49 21.37
N VAL A 38 -16.59 12.80 21.63
CA VAL A 38 -17.41 12.00 22.57
C VAL A 38 -17.59 10.60 22.03
N GLY A 39 -18.05 10.50 20.77
CA GLY A 39 -18.31 9.20 20.15
C GLY A 39 -17.11 8.28 20.10
N ASN A 40 -15.96 8.80 19.65
CA ASN A 40 -14.78 7.95 19.49
C ASN A 40 -14.14 7.59 20.84
N THR A 41 -14.32 8.40 21.88
CA THR A 41 -13.83 8.01 23.20
C THR A 41 -14.71 6.90 23.78
N LEU A 42 -16.03 6.98 23.55
CA LEU A 42 -16.97 5.95 23.98
C LEU A 42 -16.76 4.63 23.25
N VAL A 43 -16.17 4.64 22.05
CA VAL A 43 -15.82 3.39 21.35
C VAL A 43 -14.69 2.68 22.10
N CYS A 44 -13.61 3.42 22.40
CA CYS A 44 -12.45 2.87 23.13
C CYS A 44 -12.81 2.40 24.53
N LEU A 45 -13.64 3.17 25.25
CA LEU A 45 -14.08 2.81 26.60
C LEU A 45 -14.93 1.55 26.59
N ALA A 46 -15.77 1.40 25.56
CA ALA A 46 -16.66 0.25 25.45
C ALA A 46 -15.88 -1.07 25.37
N VAL A 47 -14.77 -1.09 24.62
CA VAL A 47 -13.96 -2.31 24.56
C VAL A 47 -13.04 -2.46 25.78
N TRP A 48 -12.77 -1.36 26.51
CA TRP A 48 -12.01 -1.43 27.76
C TRP A 48 -12.86 -1.95 28.92
N ARG A 49 -14.12 -1.48 29.00
CA ARG A 49 -15.04 -1.94 30.05
C ARG A 49 -15.56 -3.35 29.76
N ASN A 50 -16.13 -3.57 28.57
CA ASN A 50 -16.67 -4.85 28.12
C ASN A 50 -15.57 -5.78 27.59
N HIS A 51 -15.58 -7.05 28.02
CA HIS A 51 -14.61 -8.05 27.61
C HIS A 51 -15.13 -9.02 26.53
N HIS A 52 -16.45 -9.05 26.30
CA HIS A 52 -17.04 -9.83 25.21
C HIS A 52 -16.78 -9.20 23.86
N MET A 53 -16.67 -7.88 23.85
CA MET A 53 -16.44 -7.03 22.71
C MET A 53 -14.99 -7.02 22.21
N ARG A 54 -14.06 -7.63 22.95
CA ARG A 54 -12.64 -7.61 22.59
C ARG A 54 -12.34 -8.68 21.54
N THR A 55 -12.85 -8.45 20.32
CA THR A 55 -12.63 -9.25 19.12
C THR A 55 -11.61 -8.56 18.20
N VAL A 56 -11.16 -9.27 17.16
CA VAL A 56 -10.17 -8.74 16.22
C VAL A 56 -10.72 -7.47 15.53
N THR A 57 -11.93 -7.55 14.97
CA THR A 57 -12.59 -6.43 14.31
C THR A 57 -12.68 -5.19 15.23
N ASN A 58 -13.11 -5.41 16.47
CA ASN A 58 -13.28 -4.32 17.43
C ASN A 58 -11.96 -3.73 17.92
N TYR A 59 -10.90 -4.54 18.01
CA TYR A 59 -9.57 -4.00 18.32
C TYR A 59 -9.09 -3.08 17.20
N PHE A 60 -9.39 -3.45 15.95
CA PHE A 60 -9.11 -2.59 14.81
C PHE A 60 -10.02 -1.36 14.78
N LEU A 61 -11.31 -1.51 15.15
CA LEU A 61 -12.24 -0.37 15.14
C LEU A 61 -11.83 0.69 16.16
N VAL A 62 -11.17 0.26 17.25
CA VAL A 62 -10.60 1.17 18.25
C VAL A 62 -9.38 1.91 17.68
N ASN A 63 -8.61 1.23 16.84
CA ASN A 63 -7.47 1.86 16.17
C ASN A 63 -7.94 2.89 15.15
N LEU A 64 -9.06 2.62 14.47
CA LEU A 64 -9.69 3.61 13.60
C LEU A 64 -10.07 4.87 14.39
N SER A 65 -10.64 4.69 15.59
CA SER A 65 -11.00 5.79 16.50
C SER A 65 -9.78 6.59 16.97
N LEU A 66 -8.65 5.92 17.23
CA LEU A 66 -7.43 6.63 17.64
C LEU A 66 -6.95 7.55 16.53
N ALA A 67 -6.97 7.03 15.29
CA ALA A 67 -6.66 7.81 14.09
C ALA A 67 -7.65 8.95 13.87
N ASP A 68 -8.94 8.68 14.13
CA ASP A 68 -9.99 9.70 13.99
C ASP A 68 -9.86 10.79 15.06
N VAL A 69 -9.42 10.43 16.28
CA VAL A 69 -9.20 11.40 17.36
C VAL A 69 -7.99 12.29 17.06
N LEU A 70 -6.90 11.69 16.54
CA LEU A 70 -5.72 12.45 16.11
C LEU A 70 -6.11 13.58 15.15
N ALA A 71 -6.93 13.25 14.16
CA ALA A 71 -7.39 14.20 13.15
C ALA A 71 -8.38 15.21 13.74
N THR A 72 -9.28 14.76 14.62
CA THR A 72 -10.32 15.65 15.15
C THR A 72 -9.73 16.64 16.16
N ALA A 73 -8.82 16.19 17.03
CA ALA A 73 -8.23 17.06 18.05
C ALA A 73 -7.25 18.08 17.45
N ILE A 74 -6.33 17.65 16.59
CA ILE A 74 -5.23 18.51 16.10
C ILE A 74 -5.54 19.15 14.74
N CYS A 75 -5.98 18.35 13.75
CA CYS A 75 -6.15 18.83 12.38
C CYS A 75 -7.45 19.60 12.16
N LEU A 76 -8.56 19.19 12.80
CA LEU A 76 -9.84 19.87 12.59
C LEU A 76 -9.79 21.36 12.91
N PRO A 77 -9.24 21.82 14.05
CA PRO A 77 -9.21 23.28 14.29
C PRO A 77 -8.34 24.05 13.30
N ALA A 78 -7.19 23.48 12.93
CA ALA A 78 -6.31 24.10 11.94
C ALA A 78 -7.02 24.25 10.59
N SER A 79 -7.82 23.24 10.24
CA SER A 79 -8.61 23.24 9.01
C SER A 79 -9.74 24.28 9.07
N LEU A 80 -10.43 24.41 10.22
CA LEU A 80 -11.51 25.39 10.34
C LEU A 80 -10.98 26.82 10.18
N LEU A 81 -9.83 27.12 10.79
CA LEU A 81 -9.26 28.46 10.72
C LEU A 81 -8.74 28.79 9.31
N VAL A 82 -8.18 27.80 8.61
CA VAL A 82 -7.68 28.03 7.25
C VAL A 82 -8.84 28.23 6.26
N ASP A 83 -9.95 27.48 6.47
CA ASP A 83 -11.16 27.59 5.63
C ASP A 83 -11.90 28.92 5.83
N ILE A 84 -11.66 29.62 6.95
CA ILE A 84 -12.20 30.95 7.24
C ILE A 84 -11.30 32.04 6.67
N THR A 85 -10.04 32.09 7.12
CA THR A 85 -9.08 33.15 6.81
C THR A 85 -8.34 32.97 5.49
N GLU A 86 -8.25 31.71 5.01
CA GLU A 86 -7.46 31.28 3.83
C GLU A 86 -5.97 31.63 3.99
N SER A 87 -5.49 31.66 5.24
CA SER A 87 -4.11 31.94 5.61
C SER A 87 -3.66 31.03 6.77
N TRP A 88 -2.34 30.89 6.93
CA TRP A 88 -1.74 30.07 7.98
C TRP A 88 -1.31 30.94 9.16
N LEU A 89 -1.81 30.63 10.35
CA LEU A 89 -1.54 31.44 11.54
C LEU A 89 -0.79 30.68 12.65
N PHE A 90 -0.26 29.48 12.38
CA PHE A 90 0.40 28.63 13.38
C PHE A 90 1.92 28.53 13.23
N GLY A 91 2.53 29.30 12.32
CA GLY A 91 3.98 29.27 12.14
C GLY A 91 4.49 28.17 11.22
N HIS A 92 5.83 28.17 11.05
CA HIS A 92 6.52 27.30 10.08
C HIS A 92 6.53 25.83 10.51
N ALA A 93 6.76 25.56 11.81
CA ALA A 93 6.86 24.17 12.31
C ALA A 93 5.54 23.41 12.17
N LEU A 94 4.43 23.99 12.67
CA LEU A 94 3.11 23.38 12.60
C LEU A 94 2.55 23.32 11.18
N CYS A 95 3.17 24.06 10.25
CA CYS A 95 2.85 23.93 8.83
C CYS A 95 3.38 22.60 8.26
N LYS A 96 4.38 22.00 8.90
CA LYS A 96 4.83 20.66 8.53
C LYS A 96 4.11 19.59 9.34
N VAL A 97 4.00 19.80 10.67
CA VAL A 97 3.45 18.82 11.60
C VAL A 97 1.96 18.54 11.32
N ILE A 98 1.12 19.58 11.28
CA ILE A 98 -0.33 19.37 11.16
C ILE A 98 -0.70 18.73 9.81
N PRO A 99 -0.27 19.23 8.63
CA PRO A 99 -0.58 18.48 7.39
C PRO A 99 -0.04 17.04 7.40
N TYR A 100 1.12 16.82 8.05
CA TYR A 100 1.71 15.49 8.19
C TYR A 100 0.82 14.57 9.02
N LEU A 101 0.30 15.08 10.14
CA LEU A 101 -0.58 14.29 11.01
C LEU A 101 -1.92 13.98 10.33
N GLN A 102 -2.38 14.86 9.43
CA GLN A 102 -3.61 14.60 8.66
C GLN A 102 -3.40 13.42 7.71
N ALA A 103 -2.26 13.43 7.02
CA ALA A 103 -1.87 12.35 6.12
C ALA A 103 -1.70 11.03 6.88
N VAL A 104 -0.97 11.07 8.01
CA VAL A 104 -0.78 9.89 8.85
C VAL A 104 -2.14 9.34 9.30
N SER A 105 -3.05 10.23 9.68
CA SER A 105 -4.40 9.84 10.12
C SER A 105 -5.17 9.10 9.03
N VAL A 106 -5.07 9.56 7.79
CA VAL A 106 -5.77 8.96 6.64
C VAL A 106 -5.18 7.57 6.33
N SER A 107 -3.85 7.48 6.33
CA SER A 107 -3.13 6.23 6.13
C SER A 107 -3.50 5.18 7.17
N VAL A 108 -3.46 5.54 8.46
CA VAL A 108 -3.85 4.60 9.52
C VAL A 108 -5.29 4.14 9.31
N ALA A 109 -6.20 5.07 9.00
CA ALA A 109 -7.61 4.76 8.80
C ALA A 109 -7.82 3.76 7.65
N VAL A 110 -7.26 4.04 6.47
CA VAL A 110 -7.48 3.17 5.31
C VAL A 110 -6.73 1.83 5.48
N LEU A 111 -5.55 1.82 6.13
CA LEU A 111 -4.86 0.54 6.39
C LEU A 111 -5.59 -0.32 7.42
N THR A 112 -6.21 0.33 8.42
CA THR A 112 -6.98 -0.38 9.45
C THR A 112 -8.19 -1.09 8.83
N LEU A 113 -8.94 -0.36 8.00
CA LEU A 113 -10.12 -0.90 7.32
C LEU A 113 -9.74 -2.05 6.39
N SER A 114 -8.59 -1.93 5.70
CA SER A 114 -8.05 -2.98 4.82
C SER A 114 -7.79 -4.27 5.59
N PHE A 115 -7.18 -4.14 6.78
CA PHE A 115 -6.84 -5.31 7.60
C PHE A 115 -8.08 -5.94 8.23
N ILE A 116 -9.16 -5.16 8.44
CA ILE A 116 -10.43 -5.73 8.88
C ILE A 116 -11.03 -6.59 7.77
N ALA A 117 -11.03 -6.06 6.54
CA ALA A 117 -11.51 -6.78 5.36
C ALA A 117 -10.73 -8.06 5.12
N LEU A 118 -9.41 -7.98 5.26
CA LEU A 118 -8.50 -9.11 5.08
C LEU A 118 -8.76 -10.21 6.12
N ASP A 119 -9.03 -9.81 7.37
CA ASP A 119 -9.35 -10.71 8.46
C ASP A 119 -10.69 -11.40 8.25
N ARG A 120 -11.70 -10.63 7.82
CA ARG A 120 -13.03 -11.17 7.52
C ARG A 120 -13.01 -12.05 6.27
N TRP A 121 -12.20 -11.65 5.27
CA TRP A 121 -12.08 -12.42 4.04
C TRP A 121 -11.48 -13.81 4.31
N TYR A 122 -10.44 -13.88 5.15
CA TYR A 122 -9.90 -15.19 5.51
C TYR A 122 -10.75 -15.91 6.57
N ALA A 123 -11.44 -15.17 7.45
CA ALA A 123 -12.28 -15.81 8.46
C ALA A 123 -13.48 -16.54 7.84
N ILE A 124 -14.01 -15.99 6.74
CA ILE A 124 -15.25 -16.44 6.12
C ILE A 124 -15.00 -17.19 4.80
N CYS A 125 -14.22 -16.59 3.87
CA CYS A 125 -14.04 -17.19 2.55
C CYS A 125 -12.95 -18.27 2.48
N HIS A 126 -11.86 -18.14 3.24
CA HIS A 126 -10.78 -19.12 3.26
C HIS A 126 -10.44 -19.43 4.72
N PRO A 127 -11.24 -20.31 5.35
CA PRO A 127 -11.26 -20.40 6.82
C PRO A 127 -10.03 -20.94 7.55
N LEU A 128 -9.20 -21.84 6.98
CA LEU A 128 -8.15 -22.37 7.85
C LEU A 128 -6.74 -22.15 7.30
N LEU A 129 -6.56 -21.06 6.55
CA LEU A 129 -5.26 -20.65 6.03
C LEU A 129 -4.44 -19.86 7.06
N PHE A 130 -4.98 -18.72 7.52
CA PHE A 130 -4.29 -17.85 8.48
C PHE A 130 -5.10 -17.69 9.77
N LYS A 131 -4.39 -17.75 10.90
CA LYS A 131 -4.97 -17.63 12.25
C LYS A 131 -5.06 -16.16 12.67
N SER A 132 -6.19 -15.75 13.25
CA SER A 132 -6.41 -14.36 13.67
C SER A 132 -6.79 -14.26 15.15
N THR A 133 -5.96 -13.59 15.94
CA THR A 133 -6.21 -13.33 17.36
C THR A 133 -5.98 -11.87 17.73
N ALA A 134 -6.43 -11.53 18.94
CA ALA A 134 -6.30 -10.19 19.50
C ALA A 134 -4.83 -9.81 19.69
N ARG A 135 -3.99 -10.78 20.06
CA ARG A 135 -2.55 -10.59 20.22
C ARG A 135 -1.86 -10.23 18.91
N ARG A 136 -2.24 -10.93 17.83
CA ARG A 136 -1.72 -10.65 16.49
C ARG A 136 -2.30 -9.37 15.92
N ALA A 137 -3.50 -8.99 16.39
CA ALA A 137 -4.14 -7.74 15.99
C ALA A 137 -3.38 -6.53 16.52
N LEU A 138 -2.88 -6.61 17.76
CA LEU A 138 -2.07 -5.52 18.34
C LEU A 138 -0.76 -5.36 17.57
N GLY A 139 -0.19 -6.46 17.07
CA GLY A 139 1.02 -6.38 16.28
C GLY A 139 0.77 -5.80 14.90
N SER A 140 -0.40 -6.08 14.33
CA SER A 140 -0.83 -5.46 13.08
C SER A 140 -1.03 -3.96 13.27
N ILE A 141 -1.75 -3.59 14.34
CA ILE A 141 -2.04 -2.20 14.67
C ILE A 141 -0.77 -1.37 14.82
N LEU A 142 0.27 -1.91 15.51
CA LEU A 142 1.54 -1.20 15.64
C LEU A 142 2.26 -1.06 14.30
N GLY A 143 2.14 -2.09 13.47
CA GLY A 143 2.71 -2.04 12.14
C GLY A 143 2.04 -1.04 11.23
N ILE A 144 0.71 -0.86 11.39
CA ILE A 144 -0.04 0.15 10.64
C ILE A 144 0.49 1.55 10.97
N TRP A 145 0.76 1.81 12.25
CA TRP A 145 1.27 3.11 12.70
C TRP A 145 2.70 3.35 12.22
N ALA A 146 3.55 2.32 12.29
CA ALA A 146 4.93 2.42 11.84
C ALA A 146 5.00 2.76 10.35
N VAL A 147 4.20 2.07 9.53
CA VAL A 147 4.17 2.30 8.09
C VAL A 147 3.63 3.71 7.80
N SER A 148 2.50 4.08 8.41
CA SER A 148 1.86 5.37 8.19
C SER A 148 2.79 6.54 8.56
N LEU A 149 3.46 6.44 9.72
CA LEU A 149 4.37 7.50 10.18
C LEU A 149 5.54 7.68 9.21
N ALA A 150 6.00 6.59 8.59
CA ALA A 150 7.12 6.61 7.64
C ALA A 150 6.72 7.15 6.26
N ILE A 151 5.71 6.53 5.62
CA ILE A 151 5.30 6.88 4.26
C ILE A 151 4.75 8.31 4.13
N MET A 152 4.42 8.99 5.23
CA MET A 152 3.91 10.36 5.14
C MET A 152 4.97 11.42 5.43
N VAL A 153 6.25 11.02 5.52
CA VAL A 153 7.36 11.96 5.72
C VAL A 153 7.58 12.80 4.45
N PRO A 154 7.48 12.29 3.20
CA PRO A 154 7.63 13.21 2.04
C PRO A 154 6.59 14.33 2.01
N GLN A 155 5.42 14.07 2.59
CA GLN A 155 4.37 15.08 2.73
C GLN A 155 4.83 16.22 3.64
N ALA A 156 5.35 15.86 4.82
CA ALA A 156 5.91 16.83 5.75
C ALA A 156 7.05 17.63 5.12
N ALA A 157 7.86 16.94 4.30
CA ALA A 157 9.05 17.52 3.66
C ALA A 157 8.71 18.62 2.65
N VAL A 158 7.60 18.47 1.90
CA VAL A 158 7.24 19.48 0.88
C VAL A 158 6.48 20.68 1.47
N MET A 159 5.88 20.53 2.66
CA MET A 159 5.13 21.61 3.31
C MET A 159 6.04 22.79 3.64
N GLU A 160 5.69 23.98 3.14
CA GLU A 160 6.41 25.20 3.45
C GLU A 160 5.43 26.31 3.77
N CYS A 161 5.84 27.16 4.71
CA CYS A 161 5.09 28.33 5.17
C CYS A 161 5.80 29.54 4.62
N SER A 162 5.13 30.28 3.74
CA SER A 162 5.73 31.40 3.03
C SER A 162 4.90 32.66 3.25
N SER A 163 5.57 33.80 3.34
CA SER A 163 4.87 35.06 3.56
C SER A 163 4.44 35.68 2.24
N PHE A 175 0.90 38.41 5.58
CA PHE A 175 0.23 37.20 6.04
C PHE A 175 0.88 35.93 5.45
N SER A 176 0.85 34.82 6.18
CA SER A 176 1.51 33.59 5.75
C SER A 176 0.54 32.58 5.12
N VAL A 177 1.11 31.71 4.28
CA VAL A 177 0.36 30.68 3.57
C VAL A 177 1.15 29.37 3.64
N CYS A 178 0.47 28.30 4.07
CA CYS A 178 1.03 26.96 4.17
C CYS A 178 0.59 26.17 2.94
N ASP A 179 1.57 25.67 2.17
CA ASP A 179 1.26 24.88 0.98
C ASP A 179 2.49 24.05 0.63
N GLU A 180 2.29 23.05 -0.27
CA GLU A 180 3.37 22.20 -0.77
C GLU A 180 4.27 22.98 -1.71
N ARG A 181 5.60 22.84 -1.55
CA ARG A 181 6.56 23.48 -2.43
C ARG A 181 7.17 22.42 -3.34
N TRP A 182 7.02 22.61 -4.65
CA TRP A 182 7.53 21.68 -5.65
C TRP A 182 8.52 22.38 -6.56
N ALA A 183 9.69 21.78 -6.73
CA ALA A 183 10.72 22.32 -7.61
C ALA A 183 10.34 22.19 -9.09
N ASP A 184 9.54 21.19 -9.46
CA ASP A 184 9.14 21.00 -10.87
C ASP A 184 7.66 20.62 -11.00
N ASP A 185 7.19 20.64 -12.25
CA ASP A 185 5.78 20.38 -12.62
C ASP A 185 5.42 18.89 -12.57
N LEU A 186 6.40 17.98 -12.78
CA LEU A 186 6.15 16.54 -12.89
C LEU A 186 6.03 15.86 -11.52
N ALA A 187 6.91 16.20 -10.56
CA ALA A 187 6.88 15.59 -9.23
C ALA A 187 5.52 15.65 -8.54
N PRO A 188 4.84 16.80 -8.40
CA PRO A 188 3.49 16.77 -7.78
C PRO A 188 2.49 15.90 -8.52
N LYS A 189 2.62 15.78 -9.84
CA LYS A 189 1.74 14.93 -10.63
C LYS A 189 1.95 13.45 -10.30
N ILE A 190 3.21 13.00 -10.23
CA ILE A 190 3.47 11.60 -9.90
C ILE A 190 3.11 11.32 -8.43
N TYR A 191 3.50 12.21 -7.52
CA TYR A 191 3.22 12.03 -6.09
C TYR A 191 1.72 11.96 -5.81
N HIS A 192 0.92 12.89 -6.36
CA HIS A 192 -0.50 12.91 -6.05
C HIS A 192 -1.28 11.81 -6.75
N SER A 193 -0.73 11.28 -7.85
CA SER A 193 -1.32 10.09 -8.46
C SER A 193 -1.12 8.88 -7.55
N CYS A 194 0.12 8.64 -7.10
CA CYS A 194 0.42 7.56 -6.17
C CYS A 194 -0.37 7.71 -4.87
N PHE A 195 -0.45 8.94 -4.32
CA PHE A 195 -1.20 9.20 -3.10
C PHE A 195 -2.66 8.76 -3.25
N PHE A 196 -3.31 9.15 -4.35
CA PHE A 196 -4.72 8.82 -4.58
C PHE A 196 -4.94 7.31 -4.71
N ILE A 197 -4.08 6.62 -5.47
CA ILE A 197 -4.20 5.18 -5.68
C ILE A 197 -3.93 4.40 -4.38
N VAL A 198 -2.89 4.78 -3.63
CA VAL A 198 -2.42 4.09 -2.44
C VAL A 198 -3.31 4.36 -1.20
N THR A 199 -3.77 5.60 -1.01
CA THR A 199 -4.63 5.91 0.15
C THR A 199 -6.14 5.82 -0.15
N TYR A 200 -6.55 5.66 -1.42
CA TYR A 200 -7.99 5.64 -1.75
C TYR A 200 -8.41 4.54 -2.74
N LEU A 201 -7.98 4.62 -4.01
CA LEU A 201 -8.54 3.74 -5.06
C LEU A 201 -8.19 2.26 -4.83
N ALA A 202 -6.91 1.90 -4.71
CA ALA A 202 -6.55 0.49 -4.54
C ALA A 202 -7.11 -0.14 -3.26
N PRO A 203 -6.95 0.43 -2.05
CA PRO A 203 -7.53 -0.23 -0.86
C PRO A 203 -9.05 -0.43 -0.93
N LEU A 204 -9.81 0.60 -1.33
CA LEU A 204 -11.28 0.50 -1.35
C LEU A 204 -11.79 -0.38 -2.47
N GLY A 205 -11.09 -0.40 -3.62
CA GLY A 205 -11.46 -1.31 -4.69
C GLY A 205 -11.26 -2.77 -4.30
N LEU A 206 -10.15 -3.06 -3.63
CA LEU A 206 -9.88 -4.39 -3.08
C LEU A 206 -10.88 -4.74 -1.97
N MET A 207 -11.17 -3.77 -1.09
CA MET A 207 -12.15 -3.96 -0.03
C MET A 207 -13.54 -4.25 -0.59
N ALA A 208 -13.97 -3.46 -1.59
CA ALA A 208 -15.25 -3.69 -2.24
C ALA A 208 -15.36 -5.13 -2.74
N MET A 209 -14.32 -5.60 -3.44
CA MET A 209 -14.30 -6.96 -3.96
C MET A 209 -14.29 -8.02 -2.85
N ALA A 210 -13.65 -7.72 -1.71
CA ALA A 210 -13.62 -8.64 -0.58
C ALA A 210 -15.01 -8.80 0.05
N TYR A 211 -15.69 -7.68 0.31
CA TYR A 211 -17.01 -7.73 0.94
C TYR A 211 -18.07 -8.27 -0.02
N PHE A 212 -17.91 -8.07 -1.34
CA PHE A 212 -18.85 -8.69 -2.27
C PHE A 212 -18.78 -10.22 -2.16
N GLN A 213 -17.57 -10.77 -1.99
CA GLN A 213 -17.37 -12.22 -1.80
C GLN A 213 -17.90 -12.69 -0.45
N ILE A 214 -17.65 -11.92 0.62
CA ILE A 214 -18.19 -12.19 1.96
C ILE A 214 -19.72 -12.16 1.92
N PHE A 215 -20.29 -11.18 1.20
CA PHE A 215 -21.73 -11.08 0.99
C PHE A 215 -22.29 -12.35 0.33
N ARG A 216 -21.64 -12.80 -0.74
CA ARG A 216 -22.05 -14.02 -1.46
C ARG A 216 -21.94 -15.26 -0.58
N LYS A 217 -20.98 -15.29 0.36
CA LYS A 217 -20.81 -16.43 1.25
C LYS A 217 -21.88 -16.46 2.34
N LEU A 218 -22.07 -15.36 3.05
CA LEU A 218 -23.03 -15.30 4.16
C LEU A 218 -24.49 -15.22 3.70
N TRP A 219 -24.78 -14.65 2.52
CA TRP A 219 -26.15 -14.52 2.05
C TRP A 219 -26.46 -15.36 0.80
N GLY A 220 -25.55 -16.23 0.39
CA GLY A 220 -25.77 -17.11 -0.74
C GLY A 220 -26.59 -18.34 -0.43
N GLN A 265 -23.23 -18.77 14.40
CA GLN A 265 -22.03 -18.10 13.91
C GLN A 265 -22.35 -17.22 12.70
N MET A 266 -23.17 -17.73 11.78
CA MET A 266 -23.51 -16.99 10.56
C MET A 266 -24.29 -15.71 10.87
N ARG A 267 -25.35 -15.82 11.68
CA ARG A 267 -26.20 -14.67 12.02
C ARG A 267 -25.42 -13.55 12.73
N ALA A 268 -24.42 -13.93 13.55
CA ALA A 268 -23.54 -12.98 14.23
C ALA A 268 -22.57 -12.32 13.26
N ARG A 269 -22.03 -13.11 12.33
CA ARG A 269 -21.13 -12.64 11.28
C ARG A 269 -21.84 -11.74 10.29
N ARG A 270 -23.14 -11.96 10.06
CA ARG A 270 -23.94 -11.11 9.19
C ARG A 270 -24.25 -9.77 9.80
N LYS A 271 -24.39 -9.72 11.15
CA LYS A 271 -24.68 -8.47 11.86
C LYS A 271 -23.47 -7.57 11.96
N THR A 272 -22.26 -8.12 11.86
CA THR A 272 -21.00 -7.44 11.88
C THR A 272 -20.46 -7.14 10.49
N ALA A 273 -20.67 -8.04 9.51
CA ALA A 273 -20.31 -7.74 8.14
C ALA A 273 -21.15 -6.58 7.62
N LYS A 274 -22.46 -6.59 7.91
CA LYS A 274 -23.37 -5.54 7.52
C LYS A 274 -22.87 -4.18 8.01
N MET A 275 -22.48 -4.11 9.29
CA MET A 275 -21.95 -2.89 9.85
C MET A 275 -20.69 -2.47 9.14
N LEU A 276 -19.80 -3.44 8.90
CA LEU A 276 -18.51 -3.18 8.28
C LEU A 276 -18.65 -2.62 6.87
N MET A 277 -19.59 -3.15 6.08
CA MET A 277 -19.80 -2.63 4.73
C MET A 277 -20.29 -1.21 4.71
N VAL A 278 -21.07 -0.80 5.73
CA VAL A 278 -21.54 0.57 5.84
C VAL A 278 -20.39 1.50 6.21
N VAL A 279 -19.50 1.08 7.11
CA VAL A 279 -18.34 1.88 7.49
C VAL A 279 -17.44 2.13 6.28
N VAL A 280 -17.20 1.10 5.45
CA VAL A 280 -16.37 1.24 4.25
C VAL A 280 -17.09 2.10 3.20
N LEU A 281 -18.41 1.95 3.04
CA LEU A 281 -19.16 2.76 2.09
C LEU A 281 -19.17 4.25 2.47
N VAL A 282 -19.39 4.55 3.77
CA VAL A 282 -19.38 5.93 4.23
C VAL A 282 -17.97 6.53 4.14
N PHE A 283 -16.92 5.74 4.39
CA PHE A 283 -15.54 6.19 4.20
C PHE A 283 -15.29 6.57 2.74
N ALA A 284 -15.67 5.66 1.82
CA ALA A 284 -15.53 5.92 0.39
C ALA A 284 -16.24 7.21 -0.02
N LEU A 285 -17.47 7.43 0.48
CA LEU A 285 -18.25 8.62 0.15
C LEU A 285 -17.63 9.91 0.74
N CYS A 286 -17.24 9.86 2.03
CA CYS A 286 -16.71 11.03 2.74
C CYS A 286 -15.38 11.51 2.15
N TYR A 287 -14.54 10.57 1.69
CA TYR A 287 -13.22 10.85 1.18
C TYR A 287 -13.17 11.03 -0.34
N LEU A 288 -14.28 10.76 -1.05
CA LEU A 288 -14.27 10.92 -2.50
C LEU A 288 -14.14 12.39 -2.92
N PRO A 289 -14.94 13.34 -2.41
CA PRO A 289 -14.80 14.73 -2.90
C PRO A 289 -13.38 15.30 -2.77
N ILE A 290 -12.72 15.15 -1.60
CA ILE A 290 -11.39 15.75 -1.41
C ILE A 290 -10.34 15.04 -2.27
N SER A 291 -10.42 13.69 -2.37
CA SER A 291 -9.49 12.90 -3.18
C SER A 291 -9.55 13.29 -4.66
N VAL A 292 -10.77 13.42 -5.19
CA VAL A 292 -10.97 13.88 -6.57
C VAL A 292 -10.49 15.32 -6.73
N LEU A 293 -10.86 16.22 -5.80
CA LEU A 293 -10.45 17.62 -5.89
C LEU A 293 -8.94 17.78 -5.89
N ASN A 294 -8.20 16.94 -5.13
CA ASN A 294 -6.76 17.07 -5.13
C ASN A 294 -6.09 16.49 -6.36
N VAL A 295 -6.69 15.46 -6.97
CA VAL A 295 -6.22 14.95 -8.25
C VAL A 295 -6.47 15.99 -9.36
N LEU A 296 -7.67 16.57 -9.40
CA LEU A 296 -7.99 17.60 -10.38
C LEU A 296 -7.03 18.78 -10.27
N LYS A 297 -6.70 19.18 -9.03
CA LYS A 297 -5.81 20.29 -8.80
C LYS A 297 -4.36 19.98 -9.08
N ARG A 298 -3.83 18.90 -8.46
CA ARG A 298 -2.40 18.60 -8.51
C ARG A 298 -1.98 17.84 -9.78
N VAL A 299 -2.85 17.01 -10.35
CA VAL A 299 -2.51 16.22 -11.53
C VAL A 299 -3.02 16.88 -12.82
N PHE A 300 -4.21 17.50 -12.79
CA PHE A 300 -4.82 18.10 -13.97
C PHE A 300 -4.76 19.63 -13.97
N GLY A 301 -4.00 20.22 -13.05
CA GLY A 301 -3.76 21.65 -13.01
C GLY A 301 -4.98 22.53 -13.03
N MET A 302 -6.07 22.10 -12.39
CA MET A 302 -7.31 22.85 -12.31
C MET A 302 -7.30 23.84 -11.16
N PHE A 303 -8.35 24.69 -11.13
CA PHE A 303 -8.65 25.69 -10.09
C PHE A 303 -7.53 26.73 -9.91
N ARG A 304 -6.98 27.22 -11.02
CA ARG A 304 -5.99 28.29 -10.99
C ARG A 304 -6.60 29.65 -11.32
N GLN A 305 -7.70 29.69 -12.08
CA GLN A 305 -8.40 30.91 -12.43
C GLN A 305 -9.24 31.45 -11.26
N ALA A 306 -9.08 32.73 -10.97
CA ALA A 306 -9.81 33.41 -9.90
C ALA A 306 -11.22 33.90 -10.34
N SER A 307 -11.74 33.31 -11.44
CA SER A 307 -13.08 33.63 -11.95
C SER A 307 -14.13 33.49 -10.86
N ASP A 308 -14.07 32.39 -10.10
CA ASP A 308 -14.90 32.20 -8.92
C ASP A 308 -13.98 31.55 -7.87
N ARG A 309 -13.13 32.43 -7.30
CA ARG A 309 -12.23 32.13 -6.19
C ARG A 309 -12.99 31.55 -5.01
N GLU A 310 -14.20 32.05 -4.80
CA GLU A 310 -15.06 31.64 -3.69
C GLU A 310 -15.78 30.29 -3.95
N ALA A 311 -16.12 29.97 -5.21
CA ALA A 311 -16.73 28.67 -5.50
C ALA A 311 -15.74 27.53 -5.22
N VAL A 312 -14.47 27.74 -5.60
CA VAL A 312 -13.40 26.79 -5.35
C VAL A 312 -13.16 26.63 -3.85
N TYR A 313 -13.19 27.75 -3.10
CA TYR A 313 -13.04 27.71 -1.64
C TYR A 313 -14.19 26.96 -0.99
N ALA A 314 -15.42 27.20 -1.47
CA ALA A 314 -16.60 26.49 -0.95
C ALA A 314 -16.51 24.98 -1.18
N ALA A 315 -16.08 24.57 -2.38
CA ALA A 315 -15.92 23.14 -2.70
C ALA A 315 -14.86 22.49 -1.81
N PHE A 316 -13.69 23.11 -1.69
CA PHE A 316 -12.62 22.54 -0.89
C PHE A 316 -12.96 22.57 0.59
N THR A 317 -13.66 23.61 1.04
CA THR A 317 -14.10 23.74 2.42
C THR A 317 -15.05 22.61 2.81
N PHE A 318 -16.10 22.40 2.02
CA PHE A 318 -17.04 21.32 2.28
C PHE A 318 -16.36 19.96 2.24
N SER A 319 -15.38 19.81 1.34
CA SER A 319 -14.63 18.56 1.20
C SER A 319 -13.77 18.29 2.44
N HIS A 320 -13.12 19.33 2.97
CA HIS A 320 -12.33 19.21 4.18
C HIS A 320 -13.19 18.84 5.38
N TRP A 321 -14.39 19.40 5.45
CA TRP A 321 -15.32 19.12 6.55
C TRP A 321 -15.78 17.67 6.49
N LEU A 322 -16.05 17.14 5.29
CA LEU A 322 -16.54 15.78 5.10
C LEU A 322 -15.58 14.72 5.65
N VAL A 323 -14.27 14.96 5.51
CA VAL A 323 -13.27 14.06 6.08
C VAL A 323 -13.47 13.95 7.59
N TYR A 324 -13.62 15.10 8.27
CA TYR A 324 -13.83 15.13 9.71
C TYR A 324 -15.20 14.59 10.07
N ALA A 325 -16.22 14.86 9.23
CA ALA A 325 -17.56 14.30 9.45
C ALA A 325 -17.53 12.77 9.55
N ASN A 326 -16.59 12.12 8.86
CA ASN A 326 -16.47 10.66 8.89
C ASN A 326 -16.15 10.14 10.30
N SER A 327 -15.29 10.87 11.04
CA SER A 327 -14.93 10.53 12.42
C SER A 327 -16.14 10.58 13.35
N ALA A 328 -17.07 11.50 13.07
CA ALA A 328 -18.33 11.61 13.82
C ALA A 328 -19.31 10.50 13.42
N ALA A 329 -19.23 10.06 12.16
CA ALA A 329 -20.15 9.05 11.60
C ALA A 329 -19.91 7.66 12.16
N ASN A 330 -18.65 7.21 12.22
CA ASN A 330 -18.37 5.82 12.61
C ASN A 330 -19.00 5.42 13.94
N PRO A 331 -18.89 6.16 15.05
CA PRO A 331 -19.56 5.69 16.28
C PRO A 331 -21.08 5.67 16.17
N ILE A 332 -21.66 6.60 15.37
CA ILE A 332 -23.10 6.60 15.11
C ILE A 332 -23.51 5.32 14.35
N ILE A 333 -22.65 4.86 13.43
CA ILE A 333 -22.88 3.59 12.71
C ILE A 333 -22.86 2.41 13.69
N TYR A 334 -21.83 2.32 14.54
CA TYR A 334 -21.75 1.24 15.52
C TYR A 334 -22.94 1.26 16.49
N ASN A 335 -23.58 2.42 16.66
CA ASN A 335 -24.75 2.51 17.53
C ASN A 335 -25.98 1.86 16.89
N PHE A 336 -26.28 2.19 15.62
CA PHE A 336 -27.46 1.63 14.95
C PHE A 336 -27.22 0.24 14.32
N LEU A 337 -25.97 -0.19 14.10
CA LEU A 337 -25.72 -1.49 13.47
C LEU A 337 -25.01 -2.50 14.38
N SER A 338 -24.77 -2.16 15.65
CA SER A 338 -24.19 -3.08 16.63
C SER A 338 -24.93 -2.93 17.95
N GLY A 339 -25.65 -3.99 18.34
CA GLY A 339 -26.37 -3.99 19.60
C GLY A 339 -25.48 -3.98 20.82
N LYS A 340 -24.29 -4.57 20.71
CA LYS A 340 -23.31 -4.57 21.80
C LYS A 340 -22.75 -3.17 22.06
N PHE A 341 -22.41 -2.43 21.00
CA PHE A 341 -21.95 -1.04 21.13
C PHE A 341 -23.07 -0.13 21.65
N ARG A 342 -24.28 -0.26 21.07
CA ARG A 342 -25.44 0.52 21.50
C ARG A 342 -25.69 0.42 23.00
N GLU A 343 -25.54 -0.80 23.55
CA GLU A 343 -25.74 -1.05 24.98
C GLU A 343 -24.78 -0.22 25.84
N GLN A 344 -23.49 -0.21 25.50
CA GLN A 344 -22.50 0.60 26.20
C GLN A 344 -22.58 2.10 25.84
N PHE A 345 -23.32 2.45 24.78
CA PHE A 345 -23.63 3.85 24.46
C PHE A 345 -24.82 4.35 25.27
N LYS A 346 -25.85 3.50 25.44
CA LYS A 346 -26.99 3.78 26.33
C LYS A 346 -26.53 3.89 27.78
N ALA A 347 -25.53 3.08 28.15
CA ALA A 347 -24.92 3.08 29.48
C ALA A 347 -24.19 4.39 29.78
N ALA A 348 -23.55 4.97 28.76
CA ALA A 348 -22.76 6.19 28.92
C ALA A 348 -23.65 7.42 29.05
N PHE A 349 -24.77 7.45 28.32
CA PHE A 349 -25.69 8.57 28.40
C PHE A 349 -26.58 8.49 29.65
N SER A 350 -26.87 7.27 30.12
CA SER A 350 -27.61 7.09 31.36
C SER A 350 -26.79 7.51 32.58
N TRP A 351 -25.49 7.20 32.56
CA TRP A 351 -24.57 7.58 33.63
C TRP A 351 -24.20 9.06 33.56
N TYR B 21 16.64 -16.62 -32.46
CA TYR B 21 17.21 -16.49 -31.13
C TYR B 21 16.69 -17.56 -30.13
N ALA B 22 16.14 -18.67 -30.65
CA ALA B 22 15.59 -19.75 -29.82
C ALA B 22 16.66 -20.46 -28.99
N TRP B 23 17.88 -20.63 -29.52
CA TRP B 23 18.95 -21.22 -28.72
C TRP B 23 19.28 -20.34 -27.52
N VAL B 24 19.56 -19.06 -27.78
CA VAL B 24 19.91 -18.07 -26.75
C VAL B 24 18.80 -17.93 -25.71
N LEU B 25 17.54 -17.95 -26.17
CA LEU B 25 16.37 -17.85 -25.29
C LEU B 25 16.31 -19.03 -24.29
N ILE B 26 16.44 -20.27 -24.79
CA ILE B 26 16.39 -21.46 -23.93
C ILE B 26 17.62 -21.50 -23.01
N ALA B 27 18.82 -21.22 -23.55
CA ALA B 27 20.06 -21.21 -22.77
C ALA B 27 19.99 -20.21 -21.62
N ALA B 28 19.49 -19.00 -21.90
CA ALA B 28 19.34 -17.96 -20.87
C ALA B 28 18.34 -18.37 -19.79
N TYR B 29 17.21 -18.97 -20.20
CA TYR B 29 16.19 -19.43 -19.26
C TYR B 29 16.70 -20.60 -18.39
N VAL B 30 17.43 -21.55 -19.00
CA VAL B 30 17.96 -22.70 -18.26
C VAL B 30 19.04 -22.26 -17.27
N ALA B 31 19.97 -21.39 -17.72
CA ALA B 31 21.02 -20.85 -16.86
C ALA B 31 20.43 -20.13 -15.64
N VAL B 32 19.44 -19.25 -15.89
CA VAL B 32 18.78 -18.52 -14.80
C VAL B 32 18.05 -19.50 -13.86
N PHE B 33 17.36 -20.50 -14.44
CA PHE B 33 16.64 -21.50 -13.65
C PHE B 33 17.57 -22.25 -12.68
N VAL B 34 18.71 -22.75 -13.16
CA VAL B 34 19.62 -23.50 -12.28
C VAL B 34 20.31 -22.56 -11.28
N VAL B 35 20.87 -21.42 -11.74
CA VAL B 35 21.55 -20.46 -10.85
C VAL B 35 20.61 -19.96 -9.75
N ALA B 36 19.36 -19.61 -10.09
CA ALA B 36 18.40 -19.14 -9.08
C ALA B 36 18.00 -20.23 -8.09
N LEU B 37 17.86 -21.49 -8.55
CA LEU B 37 17.46 -22.58 -7.65
C LEU B 37 18.57 -22.93 -6.67
N VAL B 38 19.81 -23.09 -7.17
CA VAL B 38 20.97 -23.38 -6.31
C VAL B 38 21.24 -22.20 -5.38
N GLY B 39 21.33 -21.00 -5.94
CA GLY B 39 21.61 -19.80 -5.16
C GLY B 39 20.61 -19.53 -4.05
N ASN B 40 19.32 -19.58 -4.37
CA ASN B 40 18.30 -19.26 -3.37
C ASN B 40 18.13 -20.34 -2.31
N THR B 41 18.48 -21.60 -2.62
CA THR B 41 18.47 -22.65 -1.60
C THR B 41 19.63 -22.45 -0.63
N LEU B 42 20.80 -22.05 -1.17
CA LEU B 42 21.97 -21.76 -0.36
C LEU B 42 21.79 -20.54 0.54
N VAL B 43 20.88 -19.61 0.18
CA VAL B 43 20.55 -18.48 1.07
C VAL B 43 19.81 -18.98 2.31
N CYS B 44 18.75 -19.79 2.11
CA CYS B 44 17.95 -20.36 3.20
C CYS B 44 18.79 -21.25 4.11
N LEU B 45 19.66 -22.10 3.52
CA LEU B 45 20.53 -22.99 4.29
C LEU B 45 21.54 -22.20 5.14
N ALA B 46 22.06 -21.10 4.59
CA ALA B 46 23.07 -20.28 5.27
C ALA B 46 22.51 -19.61 6.52
N VAL B 47 21.29 -19.06 6.44
CA VAL B 47 20.69 -18.41 7.59
C VAL B 47 20.23 -19.46 8.60
N TRP B 48 19.92 -20.68 8.11
CA TRP B 48 19.56 -21.79 9.01
C TRP B 48 20.79 -22.35 9.74
N ARG B 49 21.91 -22.48 9.02
CA ARG B 49 23.14 -23.02 9.63
C ARG B 49 23.73 -22.04 10.64
N ASN B 50 24.11 -20.83 10.19
CA ASN B 50 24.74 -19.83 11.05
C ASN B 50 23.68 -19.13 11.90
N HIS B 51 23.83 -19.17 13.22
CA HIS B 51 22.85 -18.59 14.13
C HIS B 51 23.11 -17.12 14.39
N HIS B 52 24.30 -16.61 14.02
CA HIS B 52 24.60 -15.18 14.07
C HIS B 52 23.92 -14.44 12.92
N MET B 53 23.75 -15.14 11.79
CA MET B 53 23.11 -14.63 10.58
C MET B 53 21.60 -14.50 10.72
N ARG B 54 21.03 -14.95 11.83
CA ARG B 54 19.59 -14.89 12.05
C ARG B 54 19.20 -13.51 12.60
N THR B 55 19.34 -12.50 11.73
CA THR B 55 18.94 -11.11 11.97
C THR B 55 17.62 -10.83 11.25
N VAL B 56 17.02 -9.67 11.54
CA VAL B 56 15.74 -9.26 10.93
C VAL B 56 15.89 -9.19 9.40
N THR B 57 16.91 -8.45 8.92
CA THR B 57 17.17 -8.31 7.49
C THR B 57 17.31 -9.67 6.79
N ASN B 58 18.07 -10.58 7.39
CA ASN B 58 18.32 -11.89 6.80
C ASN B 58 17.10 -12.81 6.84
N TYR B 59 16.25 -12.68 7.88
CA TYR B 59 14.99 -13.43 7.90
C TYR B 59 14.07 -12.98 6.76
N PHE B 60 14.09 -11.67 6.46
CA PHE B 60 13.37 -11.14 5.31
C PHE B 60 14.03 -11.54 3.99
N LEU B 61 15.38 -11.56 3.93
CA LEU B 61 16.06 -11.95 2.69
C LEU B 61 15.79 -13.40 2.32
N VAL B 62 15.53 -14.26 3.33
CA VAL B 62 15.11 -15.65 3.12
C VAL B 62 13.68 -15.69 2.57
N ASN B 63 12.83 -14.77 3.00
CA ASN B 63 11.47 -14.68 2.48
C ASN B 63 11.46 -14.20 1.02
N LEU B 64 12.40 -13.32 0.67
CA LEU B 64 12.59 -12.94 -0.72
C LEU B 64 12.97 -14.15 -1.58
N SER B 65 13.86 -15.02 -1.06
CA SER B 65 14.26 -16.27 -1.73
C SER B 65 13.10 -17.26 -1.89
N LEU B 66 12.21 -17.35 -0.89
CA LEU B 66 11.04 -18.23 -1.01
C LEU B 66 10.14 -17.78 -2.15
N ALA B 67 9.91 -16.47 -2.24
CA ALA B 67 9.15 -15.84 -3.32
C ALA B 67 9.84 -16.04 -4.68
N ASP B 68 11.19 -15.93 -4.70
CA ASP B 68 11.99 -16.14 -5.90
C ASP B 68 11.94 -17.60 -6.36
N VAL B 69 11.92 -18.55 -5.41
CA VAL B 69 11.85 -19.98 -5.73
C VAL B 69 10.47 -20.32 -6.29
N LEU B 70 9.40 -19.76 -5.71
CA LEU B 70 8.04 -19.95 -6.22
C LEU B 70 7.97 -19.60 -7.71
N ALA B 71 8.51 -18.44 -8.07
CA ALA B 71 8.50 -17.95 -9.44
C ALA B 71 9.44 -18.76 -10.34
N THR B 72 10.61 -19.16 -9.82
CA THR B 72 11.59 -19.86 -10.65
C THR B 72 11.15 -21.30 -10.92
N ALA B 73 10.60 -22.00 -9.91
CA ALA B 73 10.18 -23.39 -10.07
C ALA B 73 8.91 -23.53 -10.94
N ILE B 74 7.87 -22.72 -10.68
CA ILE B 74 6.56 -22.87 -11.33
C ILE B 74 6.38 -21.96 -12.53
N CYS B 75 6.66 -20.65 -12.38
CA CYS B 75 6.36 -19.69 -13.42
C CYS B 75 7.39 -19.66 -14.54
N LEU B 76 8.68 -19.80 -14.22
CA LEU B 76 9.72 -19.72 -15.25
C LEU B 76 9.52 -20.71 -16.39
N PRO B 77 9.23 -22.01 -16.16
CA PRO B 77 9.04 -22.92 -17.30
C PRO B 77 7.81 -22.60 -18.14
N ALA B 78 6.70 -22.20 -17.50
CA ALA B 78 5.50 -21.80 -18.22
C ALA B 78 5.77 -20.59 -19.11
N SER B 79 6.58 -19.65 -18.60
CA SER B 79 6.99 -18.47 -19.35
C SER B 79 7.91 -18.83 -20.53
N LEU B 80 8.86 -19.75 -20.33
CA LEU B 80 9.77 -20.17 -21.41
C LEU B 80 9.00 -20.83 -22.56
N LEU B 81 8.04 -21.71 -22.22
CA LEU B 81 7.26 -22.43 -23.22
C LEU B 81 6.32 -21.50 -23.99
N VAL B 82 5.76 -20.47 -23.33
CA VAL B 82 4.87 -19.52 -24.01
C VAL B 82 5.64 -18.59 -24.94
N ASP B 83 6.84 -18.14 -24.52
CA ASP B 83 7.60 -17.25 -25.39
C ASP B 83 8.14 -17.99 -26.63
N ILE B 84 8.29 -19.33 -26.56
CA ILE B 84 8.74 -20.13 -27.70
C ILE B 84 7.57 -20.44 -28.66
N THR B 85 6.51 -21.07 -28.12
CA THR B 85 5.38 -21.56 -28.90
C THR B 85 4.35 -20.47 -29.19
N GLU B 86 4.33 -19.40 -28.38
CA GLU B 86 3.33 -18.32 -28.39
C GLU B 86 1.90 -18.82 -28.19
N SER B 87 1.77 -19.96 -27.49
CA SER B 87 0.48 -20.58 -27.17
C SER B 87 0.50 -21.14 -25.75
N TRP B 88 -0.70 -21.35 -25.19
CA TRP B 88 -0.87 -21.92 -23.85
C TRP B 88 -1.20 -23.41 -23.97
N LEU B 89 -0.38 -24.26 -23.35
CA LEU B 89 -0.50 -25.71 -23.47
C LEU B 89 -0.80 -26.41 -22.13
N PHE B 90 -1.14 -25.66 -21.07
CA PHE B 90 -1.36 -26.22 -19.73
C PHE B 90 -2.84 -26.26 -19.30
N GLY B 91 -3.77 -25.90 -20.19
CA GLY B 91 -5.19 -25.94 -19.87
C GLY B 91 -5.70 -24.68 -19.15
N HIS B 92 -7.03 -24.70 -18.86
CA HIS B 92 -7.73 -23.57 -18.28
C HIS B 92 -7.36 -23.29 -16.83
N ALA B 93 -7.21 -24.34 -16.01
CA ALA B 93 -6.93 -24.19 -14.58
C ALA B 93 -5.57 -23.51 -14.35
N LEU B 94 -4.50 -24.04 -14.94
CA LEU B 94 -3.15 -23.49 -14.79
C LEU B 94 -2.98 -22.14 -15.49
N CYS B 95 -3.92 -21.77 -16.36
CA CYS B 95 -3.97 -20.42 -16.91
C CYS B 95 -4.40 -19.39 -15.86
N LYS B 96 -5.08 -19.83 -14.80
CA LYS B 96 -5.39 -18.96 -13.67
C LYS B 96 -4.30 -19.05 -12.60
N VAL B 97 -3.90 -20.28 -12.25
CA VAL B 97 -2.97 -20.55 -11.15
C VAL B 97 -1.59 -19.95 -11.44
N ILE B 98 -0.99 -20.25 -12.59
CA ILE B 98 0.38 -19.83 -12.85
C ILE B 98 0.48 -18.31 -12.92
N PRO B 99 -0.30 -17.61 -13.75
CA PRO B 99 -0.27 -16.12 -13.73
C PRO B 99 -0.54 -15.54 -12.36
N TYR B 100 -1.39 -16.18 -11.55
CA TYR B 100 -1.68 -15.75 -10.18
C TYR B 100 -0.46 -15.88 -9.29
N LEU B 101 0.27 -17.00 -9.38
CA LEU B 101 1.45 -17.24 -8.56
C LEU B 101 2.59 -16.31 -8.93
N GLN B 102 2.65 -15.88 -10.20
CA GLN B 102 3.65 -14.92 -10.64
C GLN B 102 3.42 -13.59 -9.98
N ALA B 103 2.15 -13.15 -9.95
CA ALA B 103 1.75 -11.92 -9.31
C ALA B 103 2.00 -11.98 -7.81
N VAL B 104 1.57 -13.07 -7.16
CA VAL B 104 1.81 -13.27 -5.73
C VAL B 104 3.30 -13.19 -5.44
N SER B 105 4.13 -13.78 -6.30
CA SER B 105 5.57 -13.77 -6.14
C SER B 105 6.14 -12.33 -6.17
N VAL B 106 5.63 -11.48 -7.08
CA VAL B 106 6.09 -10.12 -7.20
C VAL B 106 5.69 -9.29 -5.98
N SER B 107 4.43 -9.45 -5.55
CA SER B 107 3.89 -8.80 -4.35
C SER B 107 4.71 -9.13 -3.11
N VAL B 108 4.96 -10.43 -2.86
CA VAL B 108 5.77 -10.83 -1.72
C VAL B 108 7.16 -10.19 -1.79
N ALA B 109 7.78 -10.22 -2.98
CA ALA B 109 9.12 -9.67 -3.16
C ALA B 109 9.17 -8.17 -2.85
N VAL B 110 8.27 -7.38 -3.45
CA VAL B 110 8.31 -5.93 -3.23
C VAL B 110 7.88 -5.56 -1.80
N LEU B 111 6.93 -6.31 -1.20
CA LEU B 111 6.55 -6.04 0.20
C LEU B 111 7.67 -6.40 1.19
N THR B 112 8.42 -7.48 0.89
CA THR B 112 9.55 -7.90 1.73
C THR B 112 10.65 -6.83 1.74
N LEU B 113 11.02 -6.33 0.55
CA LEU B 113 12.04 -5.29 0.42
C LEU B 113 11.62 -4.00 1.14
N SER B 114 10.33 -3.66 1.05
CA SER B 114 9.76 -2.49 1.73
C SER B 114 9.93 -2.59 3.24
N PHE B 115 9.64 -3.78 3.80
CA PHE B 115 9.73 -4.00 5.25
C PHE B 115 11.17 -4.04 5.73
N ILE B 116 12.13 -4.42 4.86
CA ILE B 116 13.55 -4.32 5.20
C ILE B 116 13.95 -2.84 5.31
N ALA B 117 13.54 -2.03 4.34
CA ALA B 117 13.79 -0.59 4.33
C ALA B 117 13.18 0.09 5.56
N LEU B 118 11.96 -0.30 5.92
CA LEU B 118 11.24 0.23 7.07
C LEU B 118 11.95 -0.09 8.38
N ASP B 119 12.48 -1.31 8.48
CA ASP B 119 13.23 -1.78 9.63
C ASP B 119 14.56 -1.04 9.78
N ARG B 120 15.28 -0.86 8.65
CA ARG B 120 16.53 -0.13 8.62
C ARG B 120 16.31 1.37 8.87
N TRP B 121 15.22 1.91 8.32
CA TRP B 121 14.88 3.32 8.51
C TRP B 121 14.61 3.64 9.99
N TYR B 122 13.87 2.78 10.68
CA TYR B 122 13.66 2.99 12.12
C TYR B 122 14.88 2.56 12.95
N ALA B 123 15.66 1.57 12.49
CA ALA B 123 16.84 1.14 13.25
C ALA B 123 17.91 2.23 13.28
N ILE B 124 18.02 3.02 12.21
CA ILE B 124 19.10 3.98 12.00
C ILE B 124 18.62 5.42 12.15
N CYS B 125 17.53 5.80 11.46
CA CYS B 125 17.09 7.20 11.45
C CYS B 125 16.21 7.60 12.65
N HIS B 126 15.37 6.68 13.15
CA HIS B 126 14.50 6.96 14.30
C HIS B 126 14.64 5.79 15.29
N PRO B 127 15.71 5.80 16.10
CA PRO B 127 16.17 4.59 16.79
C PRO B 127 15.29 3.98 17.89
N LEU B 128 14.50 4.71 18.67
CA LEU B 128 13.84 3.99 19.77
C LEU B 128 12.31 4.12 19.73
N LEU B 129 11.75 4.23 18.52
CA LEU B 129 10.31 4.28 18.31
C LEU B 129 9.69 2.87 18.28
N PHE B 130 10.13 2.02 17.34
CA PHE B 130 9.58 0.68 17.18
C PHE B 130 10.65 -0.39 17.37
N LYS B 131 10.29 -1.47 18.08
CA LYS B 131 11.16 -2.60 18.39
C LYS B 131 11.11 -3.63 17.26
N SER B 132 12.29 -4.11 16.83
CA SER B 132 12.38 -5.07 15.72
C SER B 132 13.10 -6.33 16.22
N THR B 133 12.36 -7.45 16.24
CA THR B 133 12.85 -8.74 16.70
C THR B 133 12.56 -9.79 15.65
N ALA B 134 13.32 -10.90 15.67
CA ALA B 134 13.16 -11.99 14.72
C ALA B 134 11.77 -12.61 14.81
N ARG B 135 11.22 -12.63 16.03
CA ARG B 135 9.88 -13.13 16.30
C ARG B 135 8.82 -12.26 15.61
N ARG B 136 8.98 -10.94 15.69
CA ARG B 136 8.10 -10.00 14.99
C ARG B 136 8.31 -10.03 13.48
N ALA B 137 9.52 -10.41 13.05
CA ALA B 137 9.82 -10.55 11.63
C ALA B 137 9.05 -11.71 11.00
N LEU B 138 8.92 -12.83 11.72
CA LEU B 138 8.12 -13.96 11.24
C LEU B 138 6.65 -13.61 11.12
N GLY B 139 6.14 -12.75 12.02
CA GLY B 139 4.77 -12.30 11.93
C GLY B 139 4.54 -11.34 10.79
N SER B 140 5.55 -10.52 10.48
CA SER B 140 5.52 -9.65 9.31
C SER B 140 5.51 -10.49 8.03
N ILE B 141 6.42 -11.47 7.97
CA ILE B 141 6.57 -12.37 6.82
C ILE B 141 5.26 -13.10 6.52
N LEU B 142 4.56 -13.61 7.54
CA LEU B 142 3.29 -14.29 7.33
C LEU B 142 2.22 -13.32 6.84
N GLY B 143 2.26 -12.08 7.35
CA GLY B 143 1.34 -11.06 6.91
C GLY B 143 1.57 -10.62 5.48
N ILE B 144 2.84 -10.62 5.04
CA ILE B 144 3.20 -10.33 3.64
C ILE B 144 2.55 -11.35 2.71
N TRP B 145 2.60 -12.64 3.10
CA TRP B 145 2.01 -13.71 2.30
C TRP B 145 0.49 -13.65 2.28
N ALA B 146 -0.13 -13.37 3.43
CA ALA B 146 -1.58 -13.25 3.53
C ALA B 146 -2.11 -12.14 2.63
N VAL B 147 -1.45 -10.97 2.67
CA VAL B 147 -1.84 -9.83 1.85
C VAL B 147 -1.65 -10.14 0.36
N SER B 148 -0.48 -10.66 0.00
CA SER B 148 -0.15 -10.98 -1.39
C SER B 148 -1.11 -12.01 -1.99
N LEU B 149 -1.42 -13.07 -1.24
CA LEU B 149 -2.34 -14.11 -1.72
C LEU B 149 -3.74 -13.54 -1.98
N ALA B 150 -4.18 -12.57 -1.16
CA ALA B 150 -5.48 -11.94 -1.29
C ALA B 150 -5.55 -10.92 -2.44
N ILE B 151 -4.66 -9.92 -2.44
CA ILE B 151 -4.70 -8.84 -3.43
C ILE B 151 -4.46 -9.31 -4.87
N MET B 152 -3.96 -10.54 -5.08
CA MET B 152 -3.72 -11.01 -6.44
C MET B 152 -4.83 -11.95 -6.96
N VAL B 153 -5.95 -12.05 -6.24
CA VAL B 153 -7.11 -12.84 -6.65
C VAL B 153 -7.80 -12.20 -7.86
N PRO B 154 -7.97 -10.86 -7.97
CA PRO B 154 -8.59 -10.31 -9.21
C PRO B 154 -7.79 -10.64 -10.45
N GLN B 155 -6.47 -10.85 -10.30
CA GLN B 155 -5.61 -11.27 -11.37
C GLN B 155 -6.00 -12.64 -11.88
N ALA B 156 -6.10 -13.59 -10.96
CA ALA B 156 -6.53 -14.95 -11.26
C ALA B 156 -7.92 -14.96 -11.90
N ALA B 157 -8.79 -14.06 -11.44
CA ALA B 157 -10.18 -13.97 -11.89
C ALA B 157 -10.30 -13.56 -13.37
N VAL B 158 -9.43 -12.66 -13.86
CA VAL B 158 -9.53 -12.19 -15.25
C VAL B 158 -8.83 -13.13 -16.24
N MET B 159 -7.93 -14.00 -15.77
CA MET B 159 -7.21 -14.94 -16.62
C MET B 159 -8.16 -15.93 -17.29
N GLU B 160 -8.13 -15.98 -18.62
CA GLU B 160 -8.94 -16.92 -19.41
C GLU B 160 -8.12 -17.50 -20.55
N CYS B 161 -8.47 -18.73 -20.93
CA CYS B 161 -7.80 -19.47 -22.01
C CYS B 161 -8.77 -19.65 -23.19
N SER B 162 -8.33 -19.28 -24.40
CA SER B 162 -9.16 -19.33 -25.62
C SER B 162 -8.34 -19.60 -26.88
N SER B 163 -8.94 -20.29 -27.85
CA SER B 163 -8.32 -20.52 -29.16
C SER B 163 -8.79 -19.49 -30.21
N VAL B 164 -7.97 -19.34 -31.28
CA VAL B 164 -8.24 -18.38 -32.36
C VAL B 164 -9.68 -18.47 -32.85
N LEU B 165 -10.12 -19.68 -33.20
CA LEU B 165 -11.51 -20.02 -33.49
C LEU B 165 -12.01 -20.89 -32.33
N PRO B 166 -12.95 -20.43 -31.49
CA PRO B 166 -13.26 -21.16 -30.25
C PRO B 166 -13.51 -22.67 -30.34
N GLU B 167 -14.01 -23.17 -31.48
CA GLU B 167 -14.31 -24.60 -31.63
C GLU B 167 -13.05 -25.45 -31.80
N LEU B 168 -11.91 -24.80 -32.11
CA LEU B 168 -10.62 -25.45 -32.32
C LEU B 168 -10.04 -26.09 -31.06
N ALA B 169 -10.36 -25.56 -29.87
CA ALA B 169 -9.82 -26.10 -28.62
C ALA B 169 -10.26 -27.53 -28.34
N ALA B 170 -11.39 -27.94 -28.90
CA ALA B 170 -11.87 -29.32 -28.80
C ALA B 170 -10.99 -30.31 -29.58
N ARG B 171 -9.94 -29.83 -30.25
CA ARG B 171 -9.02 -30.66 -31.03
C ARG B 171 -7.57 -30.55 -30.58
N THR B 172 -7.10 -29.34 -30.28
CA THR B 172 -5.73 -29.09 -29.89
C THR B 172 -5.63 -27.81 -29.04
N ARG B 173 -4.50 -27.68 -28.32
CA ARG B 173 -4.17 -26.53 -27.51
C ARG B 173 -3.11 -25.67 -28.14
N ALA B 174 -2.64 -26.11 -29.33
CA ALA B 174 -1.60 -25.44 -30.10
C ALA B 174 -2.00 -24.03 -30.52
N PHE B 175 -3.29 -23.74 -30.61
CA PHE B 175 -3.78 -22.41 -31.00
C PHE B 175 -4.50 -21.71 -29.86
N SER B 176 -4.25 -22.15 -28.61
CA SER B 176 -4.88 -21.59 -27.42
C SER B 176 -3.98 -20.54 -26.81
N VAL B 177 -4.60 -19.56 -26.15
CA VAL B 177 -3.87 -18.42 -25.63
C VAL B 177 -4.42 -18.06 -24.27
N CYS B 178 -3.51 -17.87 -23.30
CA CYS B 178 -3.86 -17.45 -21.95
C CYS B 178 -3.63 -15.94 -21.86
N ASP B 179 -4.70 -15.20 -21.55
CA ASP B 179 -4.63 -13.75 -21.40
C ASP B 179 -5.78 -13.27 -20.53
N GLU B 180 -5.68 -12.02 -20.12
CA GLU B 180 -6.70 -11.35 -19.32
C GLU B 180 -7.92 -11.06 -20.20
N ARG B 181 -9.12 -11.37 -19.71
CA ARG B 181 -10.36 -11.05 -20.42
C ARG B 181 -11.05 -9.92 -19.68
N TRP B 182 -11.31 -8.81 -20.39
CA TRP B 182 -11.93 -7.62 -19.82
C TRP B 182 -13.24 -7.33 -20.54
N ALA B 183 -14.32 -7.13 -19.77
CA ALA B 183 -15.62 -6.81 -20.33
C ALA B 183 -15.67 -5.40 -20.93
N ASP B 184 -14.84 -4.46 -20.43
CA ASP B 184 -14.85 -3.09 -20.95
C ASP B 184 -13.43 -2.52 -21.09
N ASP B 185 -13.33 -1.35 -21.73
CA ASP B 185 -12.07 -0.65 -22.03
C ASP B 185 -11.47 0.06 -20.81
N LEU B 186 -12.32 0.48 -19.84
CA LEU B 186 -11.88 1.27 -18.68
C LEU B 186 -11.27 0.42 -17.56
N ALA B 187 -11.89 -0.73 -17.24
CA ALA B 187 -11.39 -1.61 -16.19
C ALA B 187 -9.91 -1.98 -16.31
N PRO B 188 -9.41 -2.50 -17.45
CA PRO B 188 -7.96 -2.77 -17.53
C PRO B 188 -7.07 -1.55 -17.34
N LYS B 189 -7.57 -0.36 -17.73
CA LYS B 189 -6.82 0.87 -17.53
C LYS B 189 -6.70 1.23 -16.04
N ILE B 190 -7.80 1.13 -15.28
CA ILE B 190 -7.74 1.43 -13.85
C ILE B 190 -6.92 0.36 -13.12
N TYR B 191 -7.17 -0.93 -13.42
CA TYR B 191 -6.46 -2.03 -12.77
C TYR B 191 -4.96 -1.97 -12.99
N HIS B 192 -4.52 -1.76 -14.25
CA HIS B 192 -3.10 -1.79 -14.51
C HIS B 192 -2.39 -0.53 -14.05
N SER B 193 -3.12 0.58 -13.86
CA SER B 193 -2.55 1.75 -13.22
C SER B 193 -2.27 1.49 -11.74
N CYS B 194 -3.28 0.97 -11.02
CA CYS B 194 -3.12 0.58 -9.62
C CYS B 194 -2.01 -0.46 -9.45
N PHE B 195 -1.99 -1.48 -10.31
CA PHE B 195 -0.97 -2.52 -10.24
C PHE B 195 0.43 -1.95 -10.33
N PHE B 196 0.67 -1.05 -11.29
CA PHE B 196 1.99 -0.44 -11.50
C PHE B 196 2.42 0.39 -10.29
N ILE B 197 1.51 1.23 -9.76
CA ILE B 197 1.80 2.11 -8.63
C ILE B 197 2.06 1.29 -7.35
N VAL B 198 1.21 0.27 -7.09
CA VAL B 198 1.23 -0.52 -5.86
C VAL B 198 2.38 -1.55 -5.84
N THR B 199 2.66 -2.22 -6.97
CA THR B 199 3.74 -3.22 -6.99
C THR B 199 5.09 -2.66 -7.45
N TYR B 200 5.16 -1.41 -7.94
CA TYR B 200 6.43 -0.87 -8.46
C TYR B 200 6.73 0.58 -8.02
N LEU B 201 5.95 1.57 -8.50
CA LEU B 201 6.34 2.97 -8.32
C LEU B 201 6.33 3.41 -6.86
N ALA B 202 5.21 3.24 -6.13
CA ALA B 202 5.16 3.69 -4.73
C ALA B 202 6.16 2.98 -3.81
N PRO B 203 6.25 1.63 -3.77
CA PRO B 203 7.25 1.02 -2.87
C PRO B 203 8.70 1.43 -3.14
N LEU B 204 9.14 1.42 -4.42
CA LEU B 204 10.53 1.73 -4.75
C LEU B 204 10.86 3.22 -4.60
N GLY B 205 9.88 4.09 -4.86
CA GLY B 205 10.10 5.51 -4.62
C GLY B 205 10.27 5.83 -3.16
N LEU B 206 9.45 5.21 -2.31
CA LEU B 206 9.58 5.31 -0.85
C LEU B 206 10.89 4.68 -0.38
N MET B 207 11.24 3.51 -0.93
CA MET B 207 12.49 2.84 -0.59
C MET B 207 13.71 3.69 -0.96
N ALA B 208 13.70 4.26 -2.18
CA ALA B 208 14.78 5.15 -2.61
C ALA B 208 14.99 6.27 -1.59
N MET B 209 13.91 6.93 -1.20
CA MET B 209 13.97 8.02 -0.23
C MET B 209 14.42 7.56 1.15
N ALA B 210 14.07 6.33 1.54
CA ALA B 210 14.49 5.77 2.84
C ALA B 210 15.99 5.55 2.88
N TYR B 211 16.54 4.90 1.84
CA TYR B 211 17.97 4.60 1.80
C TYR B 211 18.81 5.86 1.58
N PHE B 212 18.27 6.89 0.90
CA PHE B 212 19.01 8.15 0.79
C PHE B 212 19.21 8.77 2.17
N GLN B 213 18.20 8.68 3.05
CA GLN B 213 18.28 9.17 4.43
C GLN B 213 19.22 8.32 5.29
N ILE B 214 19.15 6.99 5.13
CA ILE B 214 20.06 6.05 5.79
C ILE B 214 21.50 6.32 5.34
N PHE B 215 21.69 6.57 4.03
CA PHE B 215 22.99 6.93 3.47
C PHE B 215 23.56 8.18 4.15
N ARG B 216 22.72 9.23 4.24
CA ARG B 216 23.12 10.49 4.90
C ARG B 216 23.47 10.30 6.36
N LYS B 217 22.80 9.37 7.05
CA LYS B 217 23.07 9.11 8.46
C LYS B 217 24.37 8.33 8.64
N LEU B 218 24.54 7.21 7.91
CA LEU B 218 25.70 6.34 8.06
C LEU B 218 26.99 6.91 7.44
N TRP B 219 26.90 7.73 6.38
CA TRP B 219 28.08 8.26 5.71
C TRP B 219 28.22 9.79 5.86
N GLY B 220 27.34 10.43 6.62
CA GLY B 220 27.43 11.86 6.86
C GLY B 220 28.41 12.17 7.99
N ARG B 221 28.44 13.44 8.39
CA ARG B 221 29.28 13.89 9.50
C ARG B 221 28.74 13.30 10.82
N GLN B 222 29.58 12.55 11.54
CA GLN B 222 29.11 11.85 12.74
C GLN B 222 29.18 12.73 13.99
N ILE B 223 28.23 12.51 14.89
CA ILE B 223 28.02 13.22 16.17
C ILE B 223 29.31 13.19 16.99
N PRO B 224 29.74 14.31 17.62
CA PRO B 224 31.03 14.32 18.30
C PRO B 224 31.06 13.43 19.54
N GLY B 225 32.19 12.75 19.74
CA GLY B 225 32.38 11.89 20.88
C GLY B 225 31.63 10.57 20.80
N THR B 226 31.94 9.74 19.80
CA THR B 226 31.29 8.45 19.62
C THR B 226 32.10 7.31 20.23
N THR B 227 31.45 6.46 21.02
CA THR B 227 32.04 5.29 21.65
C THR B 227 32.57 4.32 20.58
N SER B 228 33.53 3.48 20.96
CA SER B 228 34.09 2.51 20.02
C SER B 228 33.03 1.53 19.51
N ALA B 261 32.06 1.19 20.38
CA ALA B 261 30.94 0.31 20.05
C ALA B 261 30.03 0.89 18.97
N GLU B 262 29.77 2.20 19.04
CA GLU B 262 28.93 2.89 18.07
C GLU B 262 29.56 2.89 16.68
N VAL B 263 30.88 3.07 16.61
CA VAL B 263 31.61 3.04 15.35
C VAL B 263 31.64 1.62 14.77
N LYS B 264 31.80 0.61 15.65
CA LYS B 264 31.72 -0.79 15.25
C LYS B 264 30.34 -1.14 14.71
N GLN B 265 29.30 -0.57 15.34
CA GLN B 265 27.92 -0.74 14.87
C GLN B 265 27.71 -0.04 13.52
N MET B 266 28.27 1.17 13.36
CA MET B 266 28.09 1.93 12.12
C MET B 266 28.73 1.21 10.93
N ARG B 267 29.99 0.78 11.08
CA ARG B 267 30.73 0.13 9.99
C ARG B 267 30.07 -1.17 9.53
N ALA B 268 29.44 -1.90 10.46
CA ALA B 268 28.68 -3.12 10.14
C ALA B 268 27.37 -2.80 9.42
N ARG B 269 26.68 -1.74 9.88
CA ARG B 269 25.45 -1.25 9.28
C ARG B 269 25.69 -0.67 7.89
N ARG B 270 26.90 -0.15 7.65
CA ARG B 270 27.30 0.36 6.35
C ARG B 270 27.49 -0.76 5.33
N LYS B 271 28.00 -1.92 5.76
CA LYS B 271 28.16 -3.03 4.83
C LYS B 271 26.83 -3.71 4.50
N THR B 272 25.84 -3.61 5.40
CA THR B 272 24.50 -4.16 5.16
C THR B 272 23.69 -3.18 4.32
N ALA B 273 23.85 -1.87 4.59
CA ALA B 273 23.15 -0.84 3.82
C ALA B 273 23.60 -0.83 2.37
N LYS B 274 24.92 -0.92 2.14
CA LYS B 274 25.46 -0.99 0.78
C LYS B 274 24.84 -2.14 0.00
N MET B 275 24.78 -3.33 0.62
CA MET B 275 24.24 -4.52 -0.03
C MET B 275 22.76 -4.37 -0.36
N LEU B 276 21.96 -3.88 0.61
CA LEU B 276 20.51 -3.72 0.43
C LEU B 276 20.20 -2.69 -0.66
N MET B 277 20.99 -1.62 -0.74
CA MET B 277 20.81 -0.61 -1.78
C MET B 277 21.05 -1.20 -3.18
N VAL B 278 21.99 -2.15 -3.29
CA VAL B 278 22.25 -2.81 -4.57
C VAL B 278 21.10 -3.76 -4.93
N VAL B 279 20.56 -4.49 -3.93
CA VAL B 279 19.43 -5.39 -4.15
C VAL B 279 18.19 -4.62 -4.63
N VAL B 280 17.92 -3.46 -4.01
CA VAL B 280 16.77 -2.62 -4.41
C VAL B 280 17.00 -2.00 -5.80
N LEU B 281 18.24 -1.58 -6.10
CA LEU B 281 18.55 -1.01 -7.41
C LEU B 281 18.40 -2.05 -8.53
N VAL B 282 18.90 -3.27 -8.33
CA VAL B 282 18.79 -4.33 -9.32
C VAL B 282 17.33 -4.78 -9.50
N PHE B 283 16.54 -4.81 -8.40
CA PHE B 283 15.11 -5.07 -8.50
C PHE B 283 14.39 -4.01 -9.34
N ALA B 284 14.66 -2.72 -9.05
CA ALA B 284 14.09 -1.63 -9.83
C ALA B 284 14.44 -1.77 -11.33
N LEU B 285 15.69 -2.10 -11.64
CA LEU B 285 16.14 -2.24 -13.03
C LEU B 285 15.50 -3.44 -13.73
N CYS B 286 15.46 -4.60 -13.04
CA CYS B 286 14.94 -5.84 -13.62
C CYS B 286 13.45 -5.77 -13.94
N TYR B 287 12.66 -5.07 -13.10
CA TYR B 287 11.21 -4.97 -13.23
C TYR B 287 10.77 -3.72 -13.97
N LEU B 288 11.70 -2.80 -14.31
CA LEU B 288 11.30 -1.61 -15.05
C LEU B 288 10.80 -1.94 -16.47
N PRO B 289 11.55 -2.69 -17.29
CA PRO B 289 11.04 -2.95 -18.66
C PRO B 289 9.65 -3.54 -18.71
N ILE B 290 9.36 -4.61 -17.95
CA ILE B 290 8.05 -5.25 -18.03
C ILE B 290 6.96 -4.34 -17.46
N SER B 291 7.23 -3.63 -16.35
CA SER B 291 6.23 -2.75 -15.76
C SER B 291 5.82 -1.63 -16.71
N VAL B 292 6.81 -0.99 -17.35
CA VAL B 292 6.55 0.05 -18.35
C VAL B 292 5.82 -0.53 -19.55
N LEU B 293 6.29 -1.68 -20.07
CA LEU B 293 5.65 -2.30 -21.23
C LEU B 293 4.19 -2.63 -20.98
N ASN B 294 3.82 -3.04 -19.75
CA ASN B 294 2.43 -3.39 -19.52
C ASN B 294 1.56 -2.17 -19.29
N VAL B 295 2.12 -1.06 -18.77
CA VAL B 295 1.39 0.21 -18.69
C VAL B 295 1.16 0.76 -20.10
N LEU B 296 2.20 0.77 -20.94
CA LEU B 296 2.06 1.25 -22.32
C LEU B 296 1.01 0.43 -23.07
N LYS B 297 0.99 -0.89 -22.84
CA LYS B 297 0.05 -1.78 -23.53
C LYS B 297 -1.37 -1.65 -22.96
N ARG B 298 -1.54 -1.80 -21.64
CA ARG B 298 -2.86 -1.88 -21.02
C ARG B 298 -3.50 -0.52 -20.73
N VAL B 299 -2.71 0.51 -20.44
CA VAL B 299 -3.25 1.84 -20.12
C VAL B 299 -3.23 2.77 -21.33
N PHE B 300 -2.19 2.70 -22.17
CA PHE B 300 -2.04 3.60 -23.32
C PHE B 300 -2.32 2.92 -24.66
N GLY B 301 -2.87 1.70 -24.64
CA GLY B 301 -3.30 1.00 -25.82
C GLY B 301 -2.27 0.86 -26.93
N MET B 302 -0.99 0.69 -26.56
CA MET B 302 0.08 0.54 -27.51
C MET B 302 0.28 -0.92 -27.95
N PHE B 303 1.15 -1.10 -28.95
CA PHE B 303 1.59 -2.39 -29.52
C PHE B 303 0.44 -3.20 -30.10
N ARG B 304 -0.46 -2.56 -30.84
CA ARG B 304 -1.56 -3.27 -31.51
C ARG B 304 -1.30 -3.52 -32.98
N GLN B 305 -0.47 -2.69 -33.63
CA GLN B 305 -0.13 -2.82 -35.04
C GLN B 305 0.78 -4.01 -35.31
N ALA B 306 0.44 -4.82 -36.32
CA ALA B 306 1.23 -5.97 -36.71
C ALA B 306 2.45 -5.57 -37.53
N SER B 307 2.63 -4.23 -37.65
CA SER B 307 3.81 -3.61 -38.24
C SER B 307 5.04 -3.85 -37.38
N ASP B 308 4.88 -3.76 -36.06
CA ASP B 308 5.89 -3.85 -35.03
C ASP B 308 5.94 -5.23 -34.32
N ARG B 309 5.20 -6.23 -34.82
CA ARG B 309 5.03 -7.52 -34.13
C ARG B 309 6.33 -8.18 -33.67
N GLU B 310 7.41 -8.08 -34.47
CA GLU B 310 8.68 -8.76 -34.16
C GLU B 310 9.41 -8.10 -33.00
N ALA B 311 9.53 -6.76 -33.04
CA ALA B 311 10.18 -5.97 -31.99
C ALA B 311 9.40 -6.03 -30.69
N VAL B 312 8.06 -6.04 -30.81
CA VAL B 312 7.18 -6.11 -29.65
C VAL B 312 7.35 -7.44 -28.91
N TYR B 313 7.32 -8.57 -29.62
CA TYR B 313 7.47 -9.85 -28.92
C TYR B 313 8.89 -10.02 -28.38
N ALA B 314 9.91 -9.57 -29.12
CA ALA B 314 11.29 -9.60 -28.62
C ALA B 314 11.42 -8.80 -27.32
N ALA B 315 10.81 -7.60 -27.28
CA ALA B 315 10.84 -6.74 -26.10
C ALA B 315 10.13 -7.40 -24.90
N PHE B 316 8.93 -7.95 -25.11
CA PHE B 316 8.19 -8.58 -24.03
C PHE B 316 8.89 -9.85 -23.54
N THR B 317 9.51 -10.59 -24.47
CA THR B 317 10.25 -11.82 -24.15
C THR B 317 11.45 -11.53 -23.23
N PHE B 318 12.29 -10.57 -23.64
CA PHE B 318 13.45 -10.17 -22.84
C PHE B 318 13.01 -9.62 -21.48
N SER B 319 11.87 -8.93 -21.46
CA SER B 319 11.34 -8.36 -20.22
C SER B 319 10.88 -9.45 -19.24
N HIS B 320 10.24 -10.51 -19.76
CA HIS B 320 9.82 -11.62 -18.91
C HIS B 320 11.04 -12.36 -18.34
N TRP B 321 12.10 -12.51 -19.15
CA TRP B 321 13.30 -13.19 -18.69
C TRP B 321 13.98 -12.39 -17.57
N LEU B 322 14.00 -11.05 -17.69
CA LEU B 322 14.65 -10.17 -16.71
C LEU B 322 14.06 -10.32 -15.30
N VAL B 323 12.74 -10.53 -15.22
CA VAL B 323 12.05 -10.76 -13.95
C VAL B 323 12.65 -11.97 -13.25
N TYR B 324 12.87 -13.06 -14.02
CA TYR B 324 13.44 -14.26 -13.50
C TYR B 324 14.93 -14.11 -13.23
N ALA B 325 15.64 -13.37 -14.09
CA ALA B 325 17.06 -13.09 -13.89
C ALA B 325 17.34 -12.45 -12.52
N ASN B 326 16.37 -11.70 -11.98
CA ASN B 326 16.52 -11.07 -10.67
C ASN B 326 16.68 -12.10 -9.54
N SER B 327 15.95 -13.22 -9.63
CA SER B 327 16.05 -14.31 -8.65
C SER B 327 17.43 -14.94 -8.64
N ALA B 328 18.10 -14.98 -9.81
CA ALA B 328 19.46 -15.46 -9.93
C ALA B 328 20.48 -14.44 -9.39
N ALA B 329 20.14 -13.15 -9.51
CA ALA B 329 21.01 -12.03 -9.13
C ALA B 329 21.17 -11.89 -7.61
N ASN B 330 20.06 -11.93 -6.86
CA ASN B 330 20.08 -11.70 -5.42
C ASN B 330 21.14 -12.53 -4.67
N PRO B 331 21.22 -13.87 -4.82
CA PRO B 331 22.28 -14.59 -4.08
C PRO B 331 23.69 -14.23 -4.53
N ILE B 332 23.88 -13.89 -5.81
CA ILE B 332 25.17 -13.44 -6.32
C ILE B 332 25.57 -12.12 -5.65
N ILE B 333 24.58 -11.23 -5.40
CA ILE B 333 24.82 -9.98 -4.67
C ILE B 333 25.28 -10.26 -3.23
N TYR B 334 24.54 -11.13 -2.50
CA TYR B 334 24.92 -11.49 -1.13
C TYR B 334 26.30 -12.16 -1.07
N ASN B 335 26.76 -12.75 -2.18
CA ASN B 335 28.07 -13.37 -2.21
C ASN B 335 29.19 -12.32 -2.24
N PHE B 336 29.08 -11.32 -3.13
CA PHE B 336 30.10 -10.28 -3.27
C PHE B 336 29.94 -9.10 -2.28
N LEU B 337 28.78 -8.91 -1.66
CA LEU B 337 28.59 -7.78 -0.73
C LEU B 337 28.35 -8.20 0.72
N SER B 338 28.41 -9.51 1.04
CA SER B 338 28.25 -10.00 2.41
C SER B 338 29.29 -11.09 2.66
N GLY B 339 30.24 -10.81 3.55
CA GLY B 339 31.27 -11.77 3.90
C GLY B 339 30.72 -12.97 4.65
N LYS B 340 29.65 -12.79 5.43
CA LYS B 340 29.03 -13.90 6.16
C LYS B 340 28.35 -14.89 5.21
N PHE B 341 27.62 -14.37 4.20
CA PHE B 341 26.99 -15.21 3.18
C PHE B 341 28.07 -15.91 2.33
N ARG B 342 29.08 -15.14 1.90
CA ARG B 342 30.19 -15.66 1.09
C ARG B 342 30.83 -16.90 1.73
N GLU B 343 31.04 -16.84 3.05
CA GLU B 343 31.63 -17.92 3.85
C GLU B 343 30.81 -19.20 3.77
N GLN B 344 29.48 -19.09 3.95
CA GLN B 344 28.57 -20.22 3.93
C GLN B 344 28.33 -20.76 2.52
N PHE B 345 28.55 -19.91 1.51
CA PHE B 345 28.45 -20.33 0.12
C PHE B 345 29.70 -21.09 -0.31
N LYS B 346 30.88 -20.65 0.15
CA LYS B 346 32.12 -21.40 -0.10
C LYS B 346 32.12 -22.74 0.64
N ALA B 347 31.55 -22.75 1.85
CA ALA B 347 31.38 -23.96 2.66
C ALA B 347 30.49 -24.98 1.97
N ALA B 348 29.54 -24.50 1.16
CA ALA B 348 28.61 -25.32 0.39
C ALA B 348 29.27 -25.93 -0.85
N PHE B 349 30.14 -25.19 -1.53
CA PHE B 349 30.87 -25.74 -2.67
C PHE B 349 31.98 -26.68 -2.21
N SER B 350 32.51 -26.48 -0.99
CA SER B 350 33.50 -27.39 -0.40
C SER B 350 32.85 -28.74 -0.06
N TRP B 351 31.62 -28.71 0.45
CA TRP B 351 30.85 -29.91 0.77
C TRP B 351 30.35 -30.61 -0.50
N TRP B 352 30.13 -29.84 -1.57
CA TRP B 352 29.71 -30.40 -2.86
C TRP B 352 30.89 -30.97 -3.63
N LEU B 353 32.05 -30.31 -3.54
CA LEU B 353 33.30 -30.75 -4.18
C LEU B 353 34.38 -30.95 -3.12
C1 NVH C . -1.55 15.40 1.61
C10 NVH C . -3.59 19.30 4.16
C11 NVH C . -3.02 20.40 3.47
C12 NVH C . -6.12 16.94 1.01
C13 NVH C . -7.27 12.74 1.15
C14 NVH C . -7.26 13.50 2.33
C15 NVH C . -6.89 14.85 2.29
C16 NVH C . -6.54 15.46 1.06
C17 NVH C . -6.54 14.68 -0.12
C18 NVH C . -6.91 13.33 -0.07
C19 NVH C . -4.51 19.45 8.54
C2 NVH C . -1.69 14.73 0.39
C3 NVH C . -2.91 14.85 -0.28
C4 NVH C . -3.82 16.21 1.38
C5 NVH C . -4.99 17.71 3.04
C6 NVH C . -2.62 16.14 2.09
C7 NVH C . -3.31 21.79 5.29
C8 NVH C . -3.87 20.74 6.03
C9 NVH C . -4.03 19.48 5.48
F1 NVH C . -7.63 11.44 1.21
F2 NVH C . -6.89 15.56 3.43
F3 NVH C . -6.21 15.22 -1.30
N1 NVH C . -3.94 15.56 0.20
N2 NVH C . -2.88 21.63 4.02
N3 NVH C . -4.94 17.00 1.87
N4 NVH C . -3.69 18.07 3.51
O1 NVH C . -5.96 18.35 3.43
O2 NVH C . -1.21 17.74 3.60
O3 NVH C . -2.79 16.00 4.64
O4 NVH C . -3.37 21.87 8.33
O5 NVH C . -5.72 21.62 7.50
S1 NVH C . -2.45 16.96 3.60
S2 NVH C . -4.40 21.06 7.68
S SO4 D . -15.20 -15.21 13.44
O1 SO4 D . -14.40 -16.23 12.76
O2 SO4 D . -14.31 -14.27 14.12
O3 SO4 D . -16.09 -15.85 14.40
O4 SO4 D . -16.03 -14.52 12.45
S SO4 E . -23.10 -7.13 17.71
O1 SO4 E . -21.78 -7.41 18.25
O2 SO4 E . -22.99 -6.69 16.32
O3 SO4 E . -23.73 -6.07 18.49
O4 SO4 E . -23.93 -8.33 17.78
CAD PGW F . 13.60 19.77 1.75
OAE PGW F . 14.15 20.57 0.68
OAF PGW F . 12.85 17.78 0.61
P PGW F . 15.08 15.31 3.75
C01 PGW F . 12.50 13.43 0.96
C1 PGW F . 11.62 10.76 3.01
O01 PGW F . 12.64 11.75 2.71
C02 PGW F . 12.14 13.05 2.40
C2 PGW F . 11.88 9.74 4.09
O02 PGW F . 10.57 10.75 2.39
C03 PGW F . 12.74 14.06 3.39
C3 PGW F . 11.57 8.35 3.54
O03 PGW F . 11.73 14.56 0.60
C04 PGW F . 13.93 17.53 2.77
C4 PGW F . 10.24 7.89 4.10
O04 PGW F . 11.87 15.59 -1.46
C05 PGW F . 13.88 18.31 1.46
C5 PGW F . 10.38 6.55 4.80
C06 PGW F . 7.38 1.41 2.62
C6 PGW F . 10.12 5.42 3.83
C07 PGW F . 6.68 1.00 1.34
C7 PGW F . 10.54 4.08 4.43
C08 PGW F . 5.22 0.63 1.51
C8 PGW F . 9.43 3.05 4.17
C09 PGW F . 4.46 1.02 0.26
C9 PGW F . 9.74 2.29 2.89
C10 PGW F . 8.83 1.56 2.24
C11 PGW F . 2.95 1.12 0.49
O11 PGW F . 14.17 14.05 3.31
C12 PGW F . 2.17 1.34 -0.81
O12 PGW F . 14.74 16.37 2.58
C13 PGW F . 2.41 0.28 -1.88
O13 PGW F . 16.53 14.90 3.62
C14 PGW F . 1.84 -1.08 -1.50
O14 PGW F . 14.57 15.83 5.08
C15 PGW F . 6.43 8.07 -5.60
C16 PGW F . 6.27 8.05 -4.08
C17 PGW F . 4.99 7.32 -3.61
C18 PGW F . 4.07 8.28 -2.87
C19 PGW F . 11.26 14.80 -0.76
C20 PGW F . 10.04 14.04 -1.27
C21 PGW F . 9.34 14.70 -2.46
C22 PGW F . 8.32 13.75 -3.09
C23 PGW F . 8.83 13.13 -4.39
C24 PGW F . 7.73 12.41 -5.18
C25 PGW F . 8.33 11.34 -6.11
C26 PGW F . 7.32 10.27 -6.51
C27 PGW F . 7.68 8.86 -6.01
C28 PGW F . 2.84 7.60 -2.25
C29 PGW F . 1.40 7.54 -0.16
C30 PGW F . 2.72 7.97 -0.77
C1 SOG G . 1.85 30.90 16.13
C2 SOG G . 3.24 30.58 16.70
C3 SOG G . 3.31 29.16 17.26
C4 SOG G . 2.13 28.84 18.17
C5 SOG G . 0.83 29.15 17.44
C6 SOG G . -0.40 28.82 18.29
C1' SOG G . 2.29 32.76 14.10
C2' SOG G . 2.62 34.23 13.79
C3' SOG G . 4.06 34.39 13.33
C4' SOG G . 4.79 35.46 14.14
C5' SOG G . 5.84 36.16 13.28
C6' SOG G . 7.11 36.45 14.05
C7' SOG G . 8.16 37.10 13.15
C8' SOG G . 9.22 37.81 13.97
S1 SOG G . 1.71 32.62 15.77
O2 SOG G . 4.23 30.73 15.66
O3 SOG G . 4.56 28.98 17.97
O4 SOG G . 2.19 27.45 18.55
O5 SOG G . 0.82 30.53 17.07
O6 SOG G . -0.75 27.44 18.09
C1 SOG H . 1.52 -7.81 10.93
C2 SOG H . 1.51 -9.09 11.77
C3 SOG H . 2.15 -8.91 13.15
C4 SOG H . 3.48 -8.19 13.06
C5 SOG H . 3.31 -6.89 12.27
C6 SOG H . 4.61 -6.08 12.17
C1' SOG H . 1.42 -6.87 8.24
C2' SOG H . 0.76 -7.10 6.88
C3' SOG H . 1.54 -6.47 5.74
C4' SOG H . 0.65 -5.56 4.89
C5' SOG H . 1.37 -4.31 4.39
C6' SOG H . 0.39 -3.16 4.15
C7' SOG H . 0.44 -2.64 2.72
C8' SOG H . 1.43 -1.50 2.59
S1 SOG H . 1.04 -8.25 9.28
O2 SOG H . 0.17 -9.61 11.92
O3 SOG H . 2.32 -10.18 13.79
O4 SOG H . 3.97 -7.91 14.38
O5 SOG H . 2.82 -7.19 10.95
O6 SOG H . 4.88 -5.44 13.42
C1 SOG I . 11.53 18.32 -3.59
C2 SOG I . 10.88 18.74 -4.91
C3 SOG I . 10.68 17.56 -5.87
C4 SOG I . 11.87 16.61 -5.95
C5 SOG I . 12.52 16.35 -4.58
C6 SOG I . 13.86 15.62 -4.71
C1' SOG I . 10.73 19.81 -1.40
C2' SOG I . 10.35 21.26 -1.10
C3' SOG I . 10.88 21.72 0.26
C4' SOG I . 11.41 23.16 0.15
C5' SOG I . 12.50 23.42 1.19
C6' SOG I . 12.59 24.90 1.55
C7' SOG I . 13.02 25.08 3.01
C8' SOG I . 12.87 26.52 3.46
S1 SOG I . 11.94 19.78 -2.68
O2 SOG I . 9.61 19.35 -4.64
O3 SOG I . 10.41 18.09 -7.17
O4 SOG I . 11.44 15.36 -6.52
O5 SOG I . 12.72 17.57 -3.85
O6 SOG I . 13.71 14.26 -4.31
C1 SOG J . -3.03 14.35 -17.37
C2 SOG J . -1.53 14.66 -17.28
C3 SOG J . -1.28 16.15 -17.08
C4 SOG J . -2.06 16.99 -18.08
C5 SOG J . -3.53 16.57 -18.09
C6 SOG J . -4.36 17.45 -19.04
C1' SOG J . -3.80 12.36 -19.24
C2' SOG J . -4.93 11.33 -19.35
C3' SOG J . -6.18 11.96 -19.96
C4' SOG J . -7.34 10.96 -20.04
C5' SOG J . -8.31 11.09 -18.87
C6' SOG J . -8.30 9.87 -17.95
C7' SOG J . -7.41 10.09 -16.74
C8' SOG J . -8.08 9.68 -15.44
S1 SOG J . -3.29 12.59 -17.56
O2 SOG J . -0.96 13.92 -16.18
O3 SOG J . 0.12 16.43 -17.19
O4 SOG J . -1.95 18.39 -17.74
O5 SOG J . -3.63 15.17 -18.39
O6 SOG J . -4.64 18.69 -18.41
O1 PG4 K . -2.36 27.34 -6.33
C1 PG4 K . -2.48 25.95 -6.06
C2 PG4 K . -2.11 25.67 -4.61
O2 PG4 K . -2.65 26.70 -3.78
C3 PG4 K . -2.93 26.22 -2.47
C4 PG4 K . -3.89 27.18 -1.80
O3 PG4 K . -4.94 27.43 -2.72
C5 PG4 K . -6.07 28.05 -2.12
C6 PG4 K . -7.30 27.70 -2.96
O4 PG4 K . -7.26 26.33 -3.32
C7 PG4 K . -7.04 25.54 -2.15
C8 PG4 K . -8.39 25.21 -1.53
O5 PG4 K . -9.20 26.39 -1.51
C1 NVH L . -0.18 -9.11 -13.85
C10 NVH L . 1.74 -12.94 -16.38
C11 NVH L . 0.78 -12.90 -17.44
C12 NVH L . 3.75 -8.79 -16.66
C13 NVH L . 5.46 -7.01 -13.03
C14 NVH L . 5.69 -8.36 -13.32
C15 NVH L . 5.13 -8.93 -14.48
C16 NVH L . 4.38 -8.15 -15.40
C17 NVH L . 4.15 -6.79 -15.07
C18 NVH L . 4.69 -6.22 -13.90
C19 NVH L . 3.63 -16.65 -15.01
C2 NVH L . -0.33 -7.73 -14.03
C3 NVH L . 0.61 -7.07 -14.81
C4 NVH L . 1.79 -9.06 -15.26
C5 NVH L . 3.15 -11.06 -15.87
C6 NVH L . 0.87 -9.78 -14.48
C7 NVH L . 1.20 -15.10 -18.01
C8 NVH L . 2.15 -15.21 -16.99
C9 NVH L . 2.42 -14.12 -16.16
F1 NVH L . 5.99 -6.46 -11.91
F2 NVH L . 5.39 -10.24 -14.71
F3 NVH L . 3.42 -5.99 -15.87
N1 NVH L . 1.61 -7.73 -15.42
N2 NVH L . 0.51 -13.96 -18.24
N3 NVH L . 2.87 -9.72 -15.95
N4 NVH L . 1.94 -11.77 -15.61
O1 NVH L . 4.10 -11.60 -16.42
O2 NVH L . -0.27 -12.15 -14.45
O3 NVH L . 1.88 -11.72 -13.06
O4 NVH L . 2.12 -17.87 -16.84
O5 NVH L . 4.17 -16.65 -17.65
S1 NVH L . 1.02 -11.50 -14.24
S2 NVH L . 3.02 -16.73 -16.74
S SO4 M . 20.80 -2.97 14.14
O1 SO4 M . 21.92 -2.65 13.25
O2 SO4 M . 20.84 -4.39 14.49
O3 SO4 M . 19.53 -2.69 13.48
O4 SO4 M . 20.88 -2.16 15.35
S SO4 N . 28.57 -8.93 6.80
O1 SO4 N . 29.19 -9.12 5.49
O2 SO4 N . 29.52 -9.38 7.82
O3 SO4 N . 28.28 -7.51 7.00
O4 SO4 N . 27.35 -9.72 6.89
CAD PGW O . -17.11 -12.31 -12.26
OAE PGW O . -18.08 -12.67 -13.24
OAF PGW O . -18.25 -10.49 -11.16
P PGW O . -16.12 -13.66 -7.90
C01 PGW O . -13.64 -10.30 -9.01
C1 PGW O . -11.92 -10.93 -5.94
O01 PGW O . -13.15 -10.91 -6.73
C02 PGW O . -12.99 -11.32 -8.09
C2 PGW O . -11.99 -10.96 -4.44
O02 PGW O . -10.84 -10.92 -6.50
C03 PGW O . -13.67 -12.67 -8.29
C3 PGW O . -10.96 -9.98 -3.91
O03 PGW O . -12.76 -10.03 -10.12
C04 PGW O . -16.86 -11.89 -9.78
C4 PGW O . -9.99 -10.66 -2.96
O04 PGW O . -13.98 -9.91 -12.09
C05 PGW O . -17.81 -11.83 -10.98
C5 PGW O . -10.08 -10.00 -1.58
C06 PGW O . -6.47 -5.47 0.59
C6 PGW O . -8.79 -9.29 -1.21
C07 PGW O . -5.88 -4.11 0.92
C7 PGW O . -8.87 -8.75 0.22
C08 PGW O . -4.35 -4.15 0.99
C8 PGW O . -8.90 -7.23 0.22
C09 PGW O . -3.74 -2.76 0.81
C9 PGW O . -8.44 -6.70 1.55
C10 PGW O . -7.37 -5.93 1.72
C11 PGW O . -3.24 -2.52 -0.61
O11 PGW O . -14.89 -12.67 -7.57
C12 PGW O . -3.15 -1.03 -0.92
O12 PGW O . -16.59 -13.25 -9.38
C13 PGW O . -1.71 -0.52 -0.93
O13 PGW O . -15.57 -15.07 -7.94
C14 PGW O . -1.30 0.12 0.39
O14 PGW O . -17.23 -13.33 -6.92
C15 PGW O . -9.20 -1.98 -7.90
C16 PGW O . -7.70 -1.84 -7.64
C17 PGW O . -6.98 -3.17 -7.73
C18 PGW O . -5.58 -3.04 -7.13
C19 PGW O . -13.26 -9.32 -11.29
C20 PGW O . -12.92 -7.86 -11.50
C21 PGW O . -11.45 -7.58 -11.20
C22 PGW O . -10.99 -6.32 -11.95
C23 PGW O . -10.64 -5.19 -11.00
C24 PGW O . -11.22 -3.86 -11.48
C25 PGW O . -10.30 -2.69 -11.14
C26 PGW O . -10.74 -1.97 -9.87
C27 PGW O . -9.60 -1.24 -9.16
C28 PGW O . -4.61 -4.03 -7.77
C29 PGW O . -2.61 -5.39 -7.09
C30 PGW O . -3.27 -4.03 -7.03
C1 SOG P . -1.75 -30.29 -16.89
C2 SOG P . -2.89 -30.77 -17.79
C3 SOG P . -4.23 -30.26 -17.26
C4 SOG P . -4.41 -30.56 -15.76
C5 SOG P . -3.14 -30.27 -14.95
C6 SOG P . -3.24 -30.82 -13.52
C1' SOG P . 0.92 -30.28 -16.28
C2' SOG P . 2.07 -29.49 -16.88
C3' SOG P . 3.04 -29.00 -15.81
C4' SOG P . 2.77 -27.56 -15.41
C5' SOG P . 3.61 -27.18 -14.19
C6' SOG P . 4.04 -25.72 -14.20
C7' SOG P . 5.46 -25.55 -14.76
C8' SOG P . 5.41 -25.11 -16.20
S1 SOG P . -0.19 -30.80 -17.56
O2 SOG P . -2.70 -30.26 -19.11
O3 SOG P . -5.30 -30.84 -18.02
O4 SOG P . -5.48 -29.74 -15.27
O5 SOG P . -1.96 -30.79 -15.57
O6 SOG P . -3.96 -29.90 -12.70
C1 SOG Q . -3.18 -33.96 -31.00
C2 SOG Q . -3.56 -32.67 -30.28
C3 SOG Q . -3.73 -32.90 -28.78
C4 SOG Q . -4.58 -34.13 -28.46
C5 SOG Q . -4.22 -35.34 -29.32
C6 SOG Q . -5.24 -36.48 -29.15
C1' SOG Q . -4.68 -33.28 -33.27
C2' SOG Q . -4.65 -32.80 -34.72
C3' SOG Q . -5.70 -31.72 -34.92
C4' SOG Q . -5.45 -30.97 -36.23
C5' SOG Q . -5.16 -29.51 -35.97
C6' SOG Q . -6.41 -28.65 -36.10
C7' SOG Q . -6.24 -27.59 -37.19
C8' SOG Q . -7.04 -27.95 -38.41
S1 SOG Q . -3.05 -33.67 -32.75
O2 SOG Q . -2.52 -31.71 -30.46
O3 SOG Q . -4.29 -31.72 -28.18
O4 SOG Q . -4.39 -34.48 -27.08
O5 SOG Q . -4.13 -34.99 -30.70
O6 SOG Q . -6.08 -36.56 -30.30
C1 SOG R . -17.94 1.95 -18.67
C2 SOG R . -17.84 3.45 -18.40
C3 SOG R . -17.53 4.23 -19.67
C4 SOG R . -16.35 3.64 -20.43
C5 SOG R . -16.57 2.14 -20.67
C6 SOG R . -15.35 1.50 -21.35
C1' SOG R . -19.71 0.63 -17.08
C2' SOG R . -19.87 -0.81 -16.62
C3' SOG R . -20.13 -0.93 -15.12
C4' SOG R . -18.96 -1.56 -14.40
C5' SOG R . -19.43 -2.71 -13.49
C6' SOG R . -19.01 -2.50 -12.03
C7' SOG R . -20.21 -2.57 -11.09
C8' SOG R . -20.27 -3.89 -10.35
S1 SOG R . -18.00 1.08 -17.13
O2 SOG R . -19.08 3.91 -17.83
O3 SOG R . -17.23 5.60 -19.34
O4 SOG R . -16.20 4.35 -21.68
O5 SOG R . -16.81 1.47 -19.42
O6 SOG R . -15.78 0.55 -22.33
C1 SOG S . -9.74 -19.46 -9.40
C2 SOG S . -11.02 -20.21 -9.76
C3 SOG S . -11.81 -19.37 -10.77
C4 SOG S . -11.94 -17.88 -10.39
C5 SOG S . -10.76 -17.31 -9.60
C6 SOG S . -11.15 -16.03 -8.83
C1' SOG S . -7.09 -19.60 -8.59
C2' SOG S . -6.94 -18.50 -7.53
C3' SOG S . -6.37 -18.98 -6.21
C4' SOG S . -7.02 -18.25 -5.04
C5' SOG S . -6.28 -18.52 -3.72
C6' SOG S . -6.98 -17.85 -2.54
C7' SOG S . -6.28 -18.15 -1.23
C8' SOG S . -5.85 -16.88 -0.53
S1 SOG S . -8.64 -20.43 -8.40
O2 SOG S . -10.73 -21.51 -10.31
O3 SOG S . -13.12 -19.95 -10.94
O4 SOG S . -12.08 -17.13 -11.61
O5 SOG S . -10.15 -18.26 -8.72
O6 SOG S . -11.94 -16.32 -7.68
C1 SOG T . -6.51 7.83 -22.07
C2 SOG T . -6.68 8.05 -23.55
C3 SOG T . -8.06 8.62 -23.85
C4 SOG T . -9.13 7.78 -23.15
C5 SOG T . -8.76 7.49 -21.70
C6 SOG T . -9.78 6.57 -21.07
C1' SOG T . -5.29 6.07 -20.51
C2' SOG T . -5.06 6.72 -19.16
C3' SOG T . -6.08 6.14 -18.21
C4' SOG T . -5.55 6.20 -16.79
C5' SOG T . -6.62 5.79 -15.82
C6' SOG T . -6.06 6.07 -14.45
C7' SOG T . -6.94 5.51 -13.35
C8' SOG T . -6.33 5.91 -12.03
S1 SOG T . -4.89 7.22 -21.77
O2 SOG T . -5.63 8.90 -24.05
O3 SOG T . -8.25 8.55 -25.28
O4 SOG T . -10.39 8.44 -23.14
O5 SOG T . -7.48 6.88 -21.67
O6 SOG T . -11.05 7.07 -21.47
C1 SOG U . -14.71 -9.05 -15.48
C2 SOG U . -14.51 -7.79 -16.31
C3 SOG U . -14.81 -6.55 -15.48
C4 SOG U . -16.20 -6.63 -14.84
C5 SOG U . -16.54 -8.01 -14.26
C6 SOG U . -18.05 -8.14 -14.05
C1' SOG U . -15.46 -11.65 -16.31
C2' SOG U . -15.36 -12.59 -17.52
C3' SOG U . -14.38 -13.75 -17.29
C4' SOG U . -15.12 -15.08 -17.14
C5' SOG U . -15.21 -15.87 -18.44
C6' SOG U . -16.37 -16.85 -18.42
C7' SOG U . -16.08 -18.08 -19.26
C8' SOG U . -17.34 -18.64 -19.88
S1 SOG U . -14.17 -10.45 -16.43
O2 SOG U . -13.17 -7.70 -16.81
O3 SOG U . -14.72 -5.42 -16.35
O4 SOG U . -16.32 -5.62 -13.82
O5 SOG U . -16.09 -9.11 -15.08
O6 SOG U . -18.41 -9.47 -13.67
O1 PG4 V . -0.12 -6.44 -27.69
C1 PG4 V . 0.40 -7.78 -27.61
C2 PG4 V . 1.89 -7.76 -27.24
O2 PG4 V . 2.05 -8.21 -25.90
C3 PG4 V . 2.93 -9.34 -25.78
C4 PG4 V . 2.38 -10.30 -24.72
O3 PG4 V . 1.01 -10.57 -24.96
C5 PG4 V . 0.47 -11.60 -24.11
C6 PG4 V . -0.34 -12.60 -24.94
O4 PG4 V . -0.50 -13.83 -24.22
C7 PG4 V . -0.17 -14.98 -25.00
C8 PG4 V . -0.23 -16.23 -24.13
O5 PG4 V . -0.47 -17.41 -24.92
#